data_2VHL
#
_entry.id   2VHL
#
_cell.length_a   51.680
_cell.length_b   107.740
_cell.length_c   188.250
_cell.angle_alpha   90.00
_cell.angle_beta   90.00
_cell.angle_gamma   90.00
#
_symmetry.space_group_name_H-M   'P 21 21 2'
#
loop_
_entity.id
_entity.type
_entity.pdbx_description
1 polymer 'N-ACETYLGLUCOSAMINE-6-PHOSPHATE DEACETYLASE'
2 non-polymer 2-amino-2-deoxy-6-O-phosphono-alpha-D-glucopyranose
3 non-polymer 'TRIETHYLENE GLYCOL'
4 non-polymer 'FE (III) ION'
5 water water
#
_entity_poly.entity_id   1
_entity_poly.type   'polypeptide(L)'
_entity_poly.pdbx_seq_one_letter_code
;MAESLLIKDIAIVTENEVIKNGYVGINDGKISTVSTERPKEPYSKEIQAPADSVLLPGMIDIHIHGGYGADTMDASFSTL
DIMSSRLPEEGTTSFLATTITQEHGNISQALVNAREWKAAEESSLLGAELLGIHLEGPFVSPKRAGAQPKEWIRPSDVEL
FKKWQQEAGGLIKIVTLAPEEDQHFELIRHLKDESIIASMGHTDADSALLSDAAKAGASHMTHLYNAMSPFHHREPGVIG
TALAHDGFVTELIADGIHSHPLAAKLAFLAKGSSKLILITDSMRAKGLKDGVYEFGGQSVTVRGRTALLSDGTLAGSILK
MNEGARHMREFTNCSWTDIANITSENAAKQLGIFDRKGSVTVGKDADLVIVSSDCEVILTICRGNIAFISKEADQI
;
_entity_poly.pdbx_strand_id   A,B
#
# COMPACT_ATOMS: atom_id res chain seq x y z
N GLU A 3 -23.06 2.81 0.63
CA GLU A 3 -22.91 2.14 -0.70
C GLU A 3 -21.42 1.97 -0.96
N SER A 4 -21.03 0.73 -1.30
CA SER A 4 -19.75 0.47 -1.95
C SER A 4 -19.68 1.32 -3.24
N LEU A 5 -18.48 1.76 -3.59
CA LEU A 5 -18.32 2.78 -4.64
C LEU A 5 -17.09 2.47 -5.50
N LEU A 6 -17.23 2.64 -6.81
CA LEU A 6 -16.12 2.46 -7.75
C LEU A 6 -15.95 3.68 -8.67
N ILE A 7 -14.72 4.21 -8.70
CA ILE A 7 -14.38 5.34 -9.53
C ILE A 7 -13.60 4.79 -10.71
N LYS A 8 -14.05 5.16 -11.91
CA LYS A 8 -13.62 4.46 -13.13
C LYS A 8 -12.86 5.34 -14.08
N ASP A 9 -11.73 4.82 -14.57
CA ASP A 9 -10.91 5.43 -15.65
C ASP A 9 -10.34 6.83 -15.41
N ILE A 10 -9.53 6.97 -14.37
CA ILE A 10 -9.03 8.30 -13.92
C ILE A 10 -7.51 8.27 -13.70
N ALA A 11 -6.82 9.39 -13.94
CA ALA A 11 -5.42 9.48 -13.48
C ALA A 11 -5.41 9.58 -11.96
N ILE A 12 -4.73 8.64 -11.28
CA ILE A 12 -4.73 8.54 -9.82
C ILE A 12 -3.37 8.96 -9.24
N VAL A 13 -3.40 9.88 -8.29
CA VAL A 13 -2.19 10.34 -7.65
C VAL A 13 -2.02 9.58 -6.35
N THR A 14 -1.13 8.61 -6.40
CA THR A 14 -0.92 7.74 -5.26
C THR A 14 0.16 8.37 -4.39
N GLU A 15 0.54 7.70 -3.31
CA GLU A 15 1.68 8.13 -2.50
C GLU A 15 2.94 8.47 -3.32
N ASN A 16 3.30 7.62 -4.29
CA ASN A 16 4.58 7.79 -4.99
C ASN A 16 4.53 7.93 -6.50
N GLU A 17 3.34 7.85 -7.09
CA GLU A 17 3.23 7.90 -8.56
C GLU A 17 1.88 8.43 -9.06
N VAL A 18 1.79 8.61 -10.38
CA VAL A 18 0.53 8.92 -11.03
C VAL A 18 0.22 7.79 -12.01
N ILE A 19 -0.85 7.06 -11.68
CA ILE A 19 -1.41 6.03 -12.53
C ILE A 19 -2.23 6.72 -13.63
N LYS A 20 -1.81 6.56 -14.89
CA LYS A 20 -2.44 7.26 -16.03
C LYS A 20 -3.93 6.98 -16.21
N ASN A 21 -4.36 5.72 -16.07
CA ASN A 21 -5.79 5.44 -16.09
C ASN A 21 -6.15 4.29 -15.17
N GLY A 22 -6.87 4.55 -14.09
CA GLY A 22 -7.08 3.50 -13.12
C GLY A 22 -8.46 3.54 -12.56
N TYR A 23 -8.67 2.65 -11.58
CA TYR A 23 -9.94 2.37 -10.94
C TYR A 23 -9.66 2.37 -9.47
N VAL A 24 -10.59 2.93 -8.69
CA VAL A 24 -10.52 2.85 -7.22
C VAL A 24 -11.85 2.34 -6.70
N GLY A 25 -11.84 1.25 -5.94
CA GLY A 25 -13.04 0.72 -5.34
C GLY A 25 -12.99 0.97 -3.85
N ILE A 26 -14.18 1.18 -3.28
CA ILE A 26 -14.35 1.69 -1.92
C ILE A 26 -15.45 0.82 -1.27
N ASN A 27 -15.23 0.40 -0.04
CA ASN A 27 -16.15 -0.48 0.63
C ASN A 27 -16.05 -0.17 2.09
N ASP A 28 -17.21 -0.06 2.77
CA ASP A 28 -17.31 0.23 4.22
C ASP A 28 -16.39 1.37 4.66
N GLY A 29 -16.31 2.41 3.83
CA GLY A 29 -15.62 3.65 4.19
C GLY A 29 -14.15 3.74 3.81
N LYS A 30 -13.56 2.62 3.37
CA LYS A 30 -12.11 2.53 3.10
C LYS A 30 -11.78 2.23 1.65
N ILE A 31 -10.55 2.54 1.24
CA ILE A 31 -10.07 2.21 -0.08
C ILE A 31 -9.70 0.73 -0.13
N SER A 32 -10.39 -0.02 -0.99
CA SER A 32 -10.18 -1.46 -1.06
C SER A 32 -9.45 -1.91 -2.34
N THR A 33 -9.39 -1.06 -3.36
CA THR A 33 -8.71 -1.40 -4.60
C THR A 33 -8.19 -0.16 -5.32
N VAL A 34 -6.92 -0.21 -5.73
CA VAL A 34 -6.33 0.80 -6.61
C VAL A 34 -5.57 0.00 -7.67
N SER A 35 -6.03 0.11 -8.93
CA SER A 35 -5.52 -0.70 -10.04
C SER A 35 -5.69 -0.03 -11.40
N THR A 36 -4.91 -0.49 -12.37
CA THR A 36 -5.02 -0.05 -13.77
C THR A 36 -6.17 -0.76 -14.49
N GLU A 37 -6.74 -1.77 -13.83
CA GLU A 37 -7.70 -2.66 -14.46
C GLU A 37 -8.95 -2.73 -13.62
N ARG A 38 -10.07 -2.83 -14.31
CA ARG A 38 -11.36 -2.92 -13.69
C ARG A 38 -11.39 -4.10 -12.70
N PRO A 39 -11.69 -3.82 -11.42
CA PRO A 39 -11.86 -4.90 -10.46
C PRO A 39 -12.98 -5.90 -10.83
N LYS A 40 -12.84 -7.13 -10.34
CA LYS A 40 -13.83 -8.19 -10.57
C LYS A 40 -15.10 -7.98 -9.76
N GLU A 41 -14.91 -7.57 -8.50
CA GLU A 41 -16.01 -7.44 -7.53
C GLU A 41 -17.09 -6.42 -7.97
N PRO A 42 -18.35 -6.69 -7.61
CA PRO A 42 -19.45 -5.82 -7.99
C PRO A 42 -19.54 -4.58 -7.08
N TYR A 43 -19.88 -3.43 -7.70
CA TYR A 43 -20.03 -2.16 -6.97
C TYR A 43 -21.43 -1.52 -7.12
N SER A 44 -22.01 -1.13 -5.98
CA SER A 44 -23.38 -0.58 -5.89
C SER A 44 -23.59 0.69 -6.73
N LYS A 45 -22.66 1.63 -6.61
CA LYS A 45 -22.58 2.80 -7.46
C LYS A 45 -21.20 2.82 -8.10
N GLU A 46 -21.14 3.23 -9.36
CA GLU A 46 -19.91 3.40 -10.10
C GLU A 46 -19.90 4.78 -10.66
N ILE A 47 -18.76 5.45 -10.55
CA ILE A 47 -18.61 6.80 -11.05
C ILE A 47 -17.70 6.73 -12.25
N GLN A 48 -18.19 7.28 -13.36
CA GLN A 48 -17.38 7.41 -14.55
C GLN A 48 -16.74 8.79 -14.56
N ALA A 49 -15.45 8.81 -14.31
CA ALA A 49 -14.70 10.04 -14.28
C ALA A 49 -14.65 10.77 -15.64
N PRO A 50 -14.94 12.09 -15.65
CA PRO A 50 -14.72 12.96 -16.82
C PRO A 50 -13.33 12.86 -17.42
N ALA A 51 -13.14 13.50 -18.56
CA ALA A 51 -11.96 13.28 -19.40
C ALA A 51 -10.59 13.57 -18.77
N ASP A 52 -10.23 14.81 -18.52
CA ASP A 52 -8.85 15.01 -18.07
C ASP A 52 -8.66 15.13 -16.56
N SER A 53 -9.65 14.60 -15.83
CA SER A 53 -9.73 14.71 -14.39
C SER A 53 -8.59 13.94 -13.68
N VAL A 54 -8.45 14.18 -12.36
CA VAL A 54 -7.36 13.64 -11.56
C VAL A 54 -7.96 13.28 -10.22
N LEU A 55 -7.57 12.13 -9.68
CA LEU A 55 -8.02 11.72 -8.36
C LEU A 55 -6.90 12.05 -7.40
N LEU A 56 -7.21 12.91 -6.45
CA LEU A 56 -6.26 13.29 -5.43
C LEU A 56 -6.74 12.73 -4.09
N PRO A 57 -5.82 12.53 -3.14
CA PRO A 57 -6.30 12.28 -1.79
C PRO A 57 -7.00 13.56 -1.31
N GLY A 58 -8.07 13.37 -0.52
CA GLY A 58 -8.83 14.51 0.03
C GLY A 58 -7.89 15.46 0.74
N MET A 59 -8.12 16.74 0.56
CA MET A 59 -7.26 17.73 1.13
C MET A 59 -7.54 17.93 2.62
N ILE A 60 -6.47 18.27 3.32
CA ILE A 60 -6.53 18.43 4.79
C ILE A 60 -6.12 19.84 5.14
N ASP A 61 -7.02 20.57 5.79
CA ASP A 61 -6.75 21.97 6.11
C ASP A 61 -6.47 22.07 7.62
N ILE A 62 -5.23 22.34 8.00
CA ILE A 62 -4.85 22.29 9.45
C ILE A 62 -4.97 23.65 10.14
N HIS A 63 -5.34 24.65 9.38
CA HIS A 63 -5.44 25.97 9.91
C HIS A 63 -6.57 26.69 9.20
N ILE A 64 -7.76 26.61 9.81
CA ILE A 64 -8.94 27.28 9.23
C ILE A 64 -9.97 27.66 10.33
N HIS A 65 -10.32 28.93 10.36
CA HIS A 65 -11.17 29.51 11.41
C HIS A 65 -12.66 29.31 11.20
N GLY A 66 -13.07 29.50 9.95
CA GLY A 66 -14.46 29.44 9.56
C GLY A 66 -14.60 29.47 8.06
N GLY A 67 -15.83 29.66 7.60
CA GLY A 67 -16.20 29.84 6.19
C GLY A 67 -17.72 29.71 6.05
N TYR A 68 -18.28 30.22 4.96
CA TYR A 68 -19.69 30.00 4.68
C TYR A 68 -20.58 30.48 5.87
N GLY A 69 -20.16 31.57 6.51
CA GLY A 69 -20.95 32.17 7.57
C GLY A 69 -20.63 31.66 8.95
N ALA A 70 -19.83 30.58 9.04
CA ALA A 70 -19.52 29.95 10.35
C ALA A 70 -18.10 30.26 10.84
N ASP A 71 -17.91 30.28 12.17
CA ASP A 71 -16.59 30.41 12.77
C ASP A 71 -16.47 29.49 13.99
N THR A 72 -15.42 28.70 14.04
CA THR A 72 -15.10 27.93 15.23
C THR A 72 -15.52 28.61 16.57
N MET A 73 -15.22 29.91 16.71
CA MET A 73 -15.41 30.67 17.97
C MET A 73 -16.91 30.83 18.37
N ASP A 74 -17.79 30.67 17.38
CA ASP A 74 -19.24 30.73 17.59
C ASP A 74 -19.73 29.67 18.58
N ALA A 75 -19.06 28.52 18.59
CA ALA A 75 -19.27 27.54 19.66
C ALA A 75 -20.71 27.00 19.72
N SER A 76 -21.27 26.74 18.54
CA SER A 76 -22.52 25.99 18.36
C SER A 76 -22.31 24.70 17.51
N PHE A 77 -23.27 23.78 17.57
CA PHE A 77 -23.30 22.58 16.73
C PHE A 77 -23.47 23.00 15.28
N SER A 78 -24.25 24.04 15.03
CA SER A 78 -24.48 24.59 13.68
C SER A 78 -23.17 25.03 13.01
N THR A 79 -22.24 25.52 13.83
CA THR A 79 -20.95 25.99 13.34
C THR A 79 -20.27 24.85 12.56
N LEU A 80 -20.19 23.70 13.20
CA LEU A 80 -19.47 22.58 12.66
C LEU A 80 -20.31 21.80 11.67
N ASP A 81 -21.65 21.84 11.79
CA ASP A 81 -22.53 21.23 10.77
C ASP A 81 -22.20 21.93 9.47
N ILE A 82 -21.99 23.23 9.54
CA ILE A 82 -21.78 24.06 8.33
C ILE A 82 -20.39 23.89 7.70
N MET A 83 -19.32 23.98 8.51
CA MET A 83 -17.96 23.79 8.01
C MET A 83 -17.78 22.35 7.49
N SER A 84 -18.28 21.37 8.25
CA SER A 84 -18.32 19.95 7.88
C SER A 84 -18.95 19.76 6.51
N SER A 85 -20.11 20.41 6.34
CA SER A 85 -20.99 20.18 5.20
C SER A 85 -20.46 20.81 3.98
N ARG A 86 -19.92 22.01 4.16
CA ARG A 86 -19.55 22.85 3.04
C ARG A 86 -18.08 22.77 2.59
N LEU A 87 -17.18 22.45 3.52
CA LEU A 87 -15.75 22.26 3.16
C LEU A 87 -15.46 21.25 2.03
N PRO A 88 -16.27 20.15 1.91
CA PRO A 88 -16.03 19.29 0.73
C PRO A 88 -16.13 19.98 -0.67
N GLU A 89 -16.75 21.15 -0.74
CA GLU A 89 -16.90 21.89 -2.00
C GLU A 89 -15.58 22.48 -2.46
N GLU A 90 -14.62 22.64 -1.53
CA GLU A 90 -13.27 23.11 -1.94
C GLU A 90 -12.24 21.95 -1.90
N GLY A 91 -12.72 20.71 -1.79
CA GLY A 91 -11.92 19.50 -1.91
C GLY A 91 -11.37 19.02 -0.57
N THR A 92 -11.79 19.68 0.50
CA THR A 92 -11.39 19.35 1.91
C THR A 92 -12.27 18.27 2.57
N THR A 93 -11.60 17.23 3.05
CA THR A 93 -12.25 16.06 3.58
C THR A 93 -11.96 15.88 5.08
N SER A 94 -10.97 16.62 5.59
CA SER A 94 -10.71 16.75 7.03
C SER A 94 -10.03 18.09 7.36
N PHE A 95 -10.16 18.55 8.62
CA PHE A 95 -9.76 19.87 9.02
C PHE A 95 -9.47 19.95 10.54
N LEU A 96 -8.72 20.98 10.95
CA LEU A 96 -8.59 21.34 12.36
C LEU A 96 -9.32 22.65 12.50
N ALA A 97 -10.45 22.62 13.23
CA ALA A 97 -11.15 23.86 13.53
C ALA A 97 -10.19 24.70 14.37
N THR A 98 -9.99 25.94 13.96
CA THR A 98 -8.94 26.79 14.54
C THR A 98 -9.55 27.94 15.38
N THR A 99 -9.12 28.06 16.64
CA THR A 99 -9.62 29.13 17.49
C THR A 99 -8.83 30.40 17.20
N ILE A 100 -9.09 31.45 17.97
CA ILE A 100 -8.34 32.70 17.87
C ILE A 100 -8.09 33.22 19.30
N THR A 101 -7.03 34.03 19.50
CA THR A 101 -6.87 34.91 20.66
C THR A 101 -8.19 35.60 21.03
N GLN A 102 -8.53 35.47 22.31
CA GLN A 102 -9.82 35.89 22.85
C GLN A 102 -9.83 35.65 24.37
N GLU A 103 -10.88 36.14 25.06
CA GLU A 103 -10.99 35.87 26.51
C GLU A 103 -11.05 34.36 26.74
N HIS A 104 -10.39 33.89 27.80
CA HIS A 104 -10.19 32.47 28.04
C HIS A 104 -11.50 31.69 28.07
N GLY A 105 -12.57 32.33 28.53
CA GLY A 105 -13.89 31.68 28.58
C GLY A 105 -14.50 31.54 27.21
N ASN A 106 -14.19 32.45 26.32
CA ASN A 106 -14.60 32.31 24.91
C ASN A 106 -13.86 31.13 24.26
N ILE A 107 -12.60 30.92 24.63
CA ILE A 107 -11.82 29.82 24.07
C ILE A 107 -12.35 28.49 24.64
N SER A 108 -12.66 28.46 25.94
CA SER A 108 -13.28 27.28 26.60
C SER A 108 -14.56 26.81 25.93
N GLN A 109 -15.45 27.75 25.60
CA GLN A 109 -16.70 27.43 24.93
C GLN A 109 -16.51 26.81 23.57
N ALA A 110 -15.59 27.34 22.76
CA ALA A 110 -15.28 26.77 21.45
C ALA A 110 -14.75 25.33 21.56
N LEU A 111 -13.91 25.06 22.56
CA LEU A 111 -13.31 23.73 22.73
C LEU A 111 -14.28 22.67 23.21
N VAL A 112 -15.17 23.07 24.13
CA VAL A 112 -16.22 22.19 24.66
C VAL A 112 -17.25 21.90 23.55
N ASN A 113 -17.72 22.94 22.86
CA ASN A 113 -18.60 22.73 21.71
C ASN A 113 -18.12 21.66 20.72
N ALA A 114 -16.87 21.79 20.27
CA ALA A 114 -16.25 20.85 19.32
C ALA A 114 -16.23 19.44 19.87
N ARG A 115 -15.86 19.31 21.16
CA ARG A 115 -15.78 18.03 21.87
C ARG A 115 -17.15 17.37 21.84
N GLU A 116 -18.17 18.12 22.22
CA GLU A 116 -19.56 17.61 22.25
C GLU A 116 -20.14 17.35 20.84
N TRP A 117 -19.91 18.25 19.88
CA TRP A 117 -20.33 18.00 18.49
C TRP A 117 -19.69 16.74 17.84
N LYS A 118 -18.38 16.58 17.98
CA LYS A 118 -17.73 15.36 17.52
C LYS A 118 -18.36 14.15 18.22
N ALA A 119 -18.46 14.22 19.56
CA ALA A 119 -18.99 13.11 20.38
C ALA A 119 -20.44 12.70 20.04
N ALA A 120 -21.22 13.68 19.58
CA ALA A 120 -22.63 13.48 19.22
C ALA A 120 -22.82 12.41 18.13
N GLU A 121 -21.80 12.27 17.28
CA GLU A 121 -21.80 11.38 16.12
C GLU A 121 -23.03 11.46 15.24
N GLU A 122 -23.45 12.70 14.97
CA GLU A 122 -24.54 12.94 14.03
C GLU A 122 -23.98 13.53 12.76
N SER A 123 -23.91 14.85 12.68
CA SER A 123 -23.24 15.48 11.54
C SER A 123 -21.74 15.11 11.52
N SER A 124 -21.17 14.72 12.66
CA SER A 124 -19.73 14.41 12.73
C SER A 124 -19.33 13.12 11.97
N LEU A 125 -20.32 12.36 11.54
CA LEU A 125 -20.10 11.22 10.62
C LEU A 125 -20.08 11.62 9.12
N LEU A 126 -20.52 12.85 8.81
CA LEU A 126 -20.68 13.28 7.41
C LEU A 126 -19.85 14.53 7.06
N GLY A 127 -19.55 14.71 5.77
CA GLY A 127 -18.72 15.81 5.35
C GLY A 127 -17.26 15.66 5.82
N ALA A 128 -16.55 16.79 5.89
CA ALA A 128 -15.15 16.86 6.25
C ALA A 128 -15.04 16.48 7.69
N GLU A 129 -14.04 15.65 8.00
CA GLU A 129 -13.91 15.10 9.34
C GLU A 129 -13.14 16.07 10.26
N LEU A 130 -13.73 16.35 11.42
CA LEU A 130 -13.13 17.21 12.38
C LEU A 130 -12.05 16.40 13.06
N LEU A 131 -10.80 16.68 12.70
CA LEU A 131 -9.70 15.91 13.22
C LEU A 131 -9.36 16.37 14.60
N GLY A 132 -9.80 17.57 14.94
CA GLY A 132 -9.51 18.15 16.23
C GLY A 132 -9.39 19.66 16.07
N ILE A 133 -8.60 20.25 16.96
CA ILE A 133 -8.50 21.70 17.07
C ILE A 133 -7.06 22.19 16.86
N HIS A 134 -6.93 23.35 16.24
CA HIS A 134 -5.69 24.10 16.19
C HIS A 134 -5.94 25.32 17.10
N LEU A 135 -5.18 25.38 18.18
CA LEU A 135 -5.35 26.46 19.15
C LEU A 135 -4.44 27.58 18.66
N GLU A 136 -5.00 28.63 18.08
CA GLU A 136 -4.14 29.68 17.55
C GLU A 136 -4.21 30.86 18.51
N GLY A 137 -3.13 31.10 19.25
CA GLY A 137 -3.24 32.09 20.34
C GLY A 137 -3.90 31.45 21.58
N PRO A 138 -3.95 32.19 22.71
CA PRO A 138 -3.55 33.60 22.89
C PRO A 138 -2.10 33.80 23.19
N PHE A 139 -1.35 32.71 23.25
CA PHE A 139 0.01 32.78 23.73
C PHE A 139 0.99 33.26 22.66
N VAL A 140 0.72 34.44 22.11
CA VAL A 140 1.46 34.99 20.96
C VAL A 140 2.16 36.34 21.31
N SER A 141 2.93 36.92 20.36
CA SER A 141 3.54 38.24 20.58
C SER A 141 2.59 39.44 20.39
N PRO A 142 2.58 40.36 21.38
CA PRO A 142 1.88 41.64 21.27
C PRO A 142 2.36 42.46 20.07
N LYS A 143 3.59 42.19 19.61
CA LYS A 143 4.25 42.89 18.49
C LYS A 143 3.97 42.29 17.11
N ARG A 144 3.26 41.16 17.08
CA ARG A 144 2.95 40.43 15.84
C ARG A 144 1.55 39.88 15.96
N ALA A 145 0.65 40.72 16.43
CA ALA A 145 -0.72 40.34 16.66
C ALA A 145 -1.45 40.11 15.34
N GLY A 146 -1.04 40.84 14.32
CA GLY A 146 -1.84 40.87 13.08
C GLY A 146 -3.30 41.17 13.37
N ALA A 147 -4.19 40.25 13.02
CA ALA A 147 -5.62 40.40 13.33
C ALA A 147 -6.06 39.66 14.64
N GLN A 148 -5.11 39.08 15.38
CA GLN A 148 -5.43 38.54 16.73
C GLN A 148 -5.79 39.72 17.67
N PRO A 149 -6.96 39.66 18.39
CA PRO A 149 -7.36 40.74 19.31
C PRO A 149 -6.31 41.07 20.34
N LYS A 150 -5.73 42.27 20.28
CA LYS A 150 -4.52 42.59 21.06
C LYS A 150 -4.74 42.54 22.56
N GLU A 151 -5.94 42.90 22.98
CA GLU A 151 -6.23 42.98 24.43
C GLU A 151 -6.33 41.61 25.09
N TRP A 152 -6.38 40.55 24.29
CA TRP A 152 -6.46 39.18 24.85
C TRP A 152 -5.20 38.34 24.78
N ILE A 153 -4.12 38.94 24.29
CA ILE A 153 -2.86 38.25 24.14
C ILE A 153 -2.25 38.11 25.54
N ARG A 154 -1.72 36.94 25.88
CA ARG A 154 -1.13 36.73 27.21
C ARG A 154 0.01 35.74 27.07
N PRO A 155 1.05 35.81 27.95
CA PRO A 155 2.16 34.84 27.88
C PRO A 155 1.69 33.39 28.08
N SER A 156 2.48 32.40 27.69
CA SER A 156 2.03 31.02 27.83
C SER A 156 1.68 30.66 29.29
N ASP A 157 0.66 29.84 29.43
CA ASP A 157 0.19 29.37 30.72
C ASP A 157 -0.13 27.89 30.51
N VAL A 158 0.81 27.04 30.96
CA VAL A 158 0.71 25.57 30.86
C VAL A 158 -0.48 24.96 31.60
N GLU A 159 -0.82 25.49 32.79
CA GLU A 159 -2.00 25.03 33.54
C GLU A 159 -3.33 25.39 32.90
N LEU A 160 -3.41 26.58 32.27
CA LEU A 160 -4.60 26.97 31.50
C LEU A 160 -4.77 26.13 30.22
N PHE A 161 -3.68 25.90 29.49
CA PHE A 161 -3.73 24.99 28.36
C PHE A 161 -4.20 23.61 28.85
N LYS A 162 -3.57 23.12 29.93
CA LYS A 162 -3.94 21.80 30.45
C LYS A 162 -5.43 21.75 30.69
N LYS A 163 -6.01 22.85 31.15
CA LYS A 163 -7.45 22.94 31.38
C LYS A 163 -8.23 22.88 30.06
N TRP A 164 -7.72 23.62 29.08
CA TRP A 164 -8.31 23.68 27.74
C TRP A 164 -8.32 22.33 27.04
N GLN A 165 -7.19 21.63 27.10
CA GLN A 165 -7.11 20.28 26.54
C GLN A 165 -8.06 19.27 27.22
N GLN A 166 -8.22 19.35 28.55
CA GLN A 166 -9.31 18.56 29.23
C GLN A 166 -10.69 18.96 28.71
N GLU A 167 -10.95 20.27 28.59
CA GLU A 167 -12.23 20.75 28.06
C GLU A 167 -12.45 20.25 26.63
N ALA A 168 -11.35 20.12 25.86
CA ALA A 168 -11.39 19.74 24.44
C ALA A 168 -11.50 18.25 24.25
N GLY A 169 -11.48 17.51 25.35
CA GLY A 169 -11.44 16.04 25.30
C GLY A 169 -10.27 15.54 24.48
N GLY A 170 -9.11 16.17 24.63
CA GLY A 170 -7.90 15.74 23.94
C GLY A 170 -7.81 16.11 22.45
N LEU A 171 -8.77 16.88 21.96
CA LEU A 171 -8.87 17.24 20.52
C LEU A 171 -7.81 18.25 20.03
N ILE A 172 -7.12 18.96 20.92
CA ILE A 172 -6.16 19.97 20.47
C ILE A 172 -4.94 19.21 19.89
N LYS A 173 -4.73 19.37 18.58
CA LYS A 173 -3.59 18.71 17.83
C LYS A 173 -2.39 19.63 17.53
N ILE A 174 -2.68 20.93 17.41
CA ILE A 174 -1.66 21.96 17.17
C ILE A 174 -1.94 23.20 18.01
N VAL A 175 -0.87 23.81 18.48
CA VAL A 175 -0.97 25.09 19.11
C VAL A 175 -0.01 26.03 18.39
N THR A 176 -0.56 27.18 17.99
CA THR A 176 0.25 28.32 17.58
C THR A 176 0.58 29.24 18.76
N LEU A 177 1.87 29.51 18.94
CA LEU A 177 2.40 30.27 20.05
C LEU A 177 3.69 30.92 19.60
N ALA A 178 4.04 32.02 20.32
CA ALA A 178 5.28 32.71 20.13
C ALA A 178 6.30 32.13 21.14
N PRO A 179 7.43 31.54 20.65
CA PRO A 179 8.33 30.93 21.65
C PRO A 179 8.90 31.91 22.70
N GLU A 180 9.01 33.20 22.36
CA GLU A 180 9.63 34.18 23.23
C GLU A 180 8.69 34.59 24.35
N GLU A 181 7.40 34.22 24.20
CA GLU A 181 6.36 34.49 25.19
C GLU A 181 6.07 33.25 26.04
N ASP A 182 6.87 32.20 25.86
CA ASP A 182 6.81 30.92 26.55
C ASP A 182 8.05 30.77 27.44
N GLN A 183 7.98 31.28 28.66
CA GLN A 183 9.12 31.23 29.58
C GLN A 183 9.58 29.79 29.74
N HIS A 184 10.88 29.59 29.51
CA HIS A 184 11.59 28.31 29.67
C HIS A 184 11.16 27.24 28.68
N PHE A 185 10.48 27.68 27.61
CA PHE A 185 9.86 26.80 26.62
C PHE A 185 8.99 25.76 27.32
N GLU A 186 8.42 26.17 28.45
CA GLU A 186 7.58 25.29 29.28
C GLU A 186 6.41 24.66 28.53
N LEU A 187 5.60 25.47 27.86
CA LEU A 187 4.47 24.93 27.08
C LEU A 187 4.94 24.16 25.86
N ILE A 188 5.93 24.67 25.14
CA ILE A 188 6.53 23.88 24.05
C ILE A 188 6.98 22.47 24.52
N ARG A 189 7.69 22.42 25.66
CA ARG A 189 8.17 21.15 26.23
C ARG A 189 7.00 20.28 26.61
N HIS A 190 5.95 20.88 27.16
CA HIS A 190 4.72 20.15 27.48
C HIS A 190 4.05 19.59 26.25
N LEU A 191 3.91 20.41 25.20
CA LEU A 191 3.25 19.91 23.96
C LEU A 191 4.03 18.77 23.32
N LYS A 192 5.36 18.90 23.25
CA LYS A 192 6.19 17.81 22.72
C LYS A 192 5.92 16.50 23.50
N ASP A 193 5.91 16.60 24.84
CA ASP A 193 5.56 15.45 25.70
C ASP A 193 4.21 14.78 25.35
N GLU A 194 3.24 15.60 24.99
CA GLU A 194 1.87 15.16 24.70
C GLU A 194 1.60 14.86 23.23
N SER A 195 2.66 14.85 22.41
CA SER A 195 2.50 14.74 20.93
C SER A 195 1.47 15.72 20.31
N ILE A 196 1.51 16.96 20.79
CA ILE A 196 0.72 18.06 20.21
C ILE A 196 1.73 18.92 19.51
N ILE A 197 1.45 19.22 18.25
CA ILE A 197 2.37 20.04 17.45
C ILE A 197 2.45 21.45 18.01
N ALA A 198 3.68 21.88 18.22
CA ALA A 198 3.95 23.24 18.57
C ALA A 198 4.41 23.98 17.30
N SER A 199 3.52 24.86 16.87
CA SER A 199 3.70 25.71 15.69
C SER A 199 4.11 27.13 16.09
N MET A 200 5.26 27.62 15.64
CA MET A 200 5.71 28.97 15.98
C MET A 200 4.98 29.97 15.07
N GLY A 201 4.35 30.98 15.65
CA GLY A 201 3.58 31.94 14.83
C GLY A 201 3.22 33.16 15.63
N HIS A 202 2.89 34.28 14.95
CA HIS A 202 2.64 35.57 15.59
C HIS A 202 3.75 35.86 16.58
N THR A 203 4.97 35.73 16.08
CA THR A 203 6.14 35.78 16.90
C THR A 203 7.13 36.77 16.33
N ASP A 204 7.75 37.53 17.24
CA ASP A 204 8.78 38.45 16.91
C ASP A 204 10.16 37.92 17.28
N ALA A 205 10.31 36.59 17.42
CA ALA A 205 11.59 35.97 17.87
C ALA A 205 12.72 36.10 16.85
N ASP A 206 13.95 36.04 17.36
CA ASP A 206 15.09 35.99 16.48
C ASP A 206 15.40 34.56 16.17
N SER A 207 16.36 34.38 15.27
CA SER A 207 16.74 33.09 14.75
C SER A 207 17.35 32.15 15.82
N ALA A 208 18.23 32.70 16.67
CA ALA A 208 18.87 31.92 17.76
C ALA A 208 17.82 31.26 18.64
N LEU A 209 16.81 32.03 19.02
CA LEU A 209 15.77 31.54 19.91
C LEU A 209 14.89 30.46 19.26
N LEU A 210 14.59 30.64 17.99
CA LEU A 210 13.82 29.67 17.21
C LEU A 210 14.59 28.40 17.07
N SER A 211 15.90 28.50 16.87
CA SER A 211 16.72 27.27 16.84
C SER A 211 16.65 26.47 18.17
N ASP A 212 16.58 27.18 19.29
CA ASP A 212 16.51 26.58 20.64
C ASP A 212 15.11 26.00 20.86
N ALA A 213 14.08 26.68 20.36
CA ALA A 213 12.73 26.18 20.42
C ALA A 213 12.56 24.84 19.69
N ALA A 214 13.27 24.66 18.58
CA ALA A 214 13.14 23.46 17.78
C ALA A 214 13.71 22.31 18.62
N LYS A 215 14.84 22.54 19.27
CA LYS A 215 15.41 21.55 20.23
C LYS A 215 14.43 21.25 21.39
N ALA A 216 13.76 22.25 21.93
CA ALA A 216 12.72 21.99 22.93
C ALA A 216 11.49 21.26 22.36
N GLY A 217 11.43 21.06 21.05
CA GLY A 217 10.28 20.38 20.46
C GLY A 217 9.38 21.13 19.47
N ALA A 218 9.61 22.43 19.21
CA ALA A 218 8.85 23.13 18.14
C ALA A 218 9.13 22.48 16.76
N SER A 219 8.07 22.29 15.96
CA SER A 219 8.23 21.64 14.66
C SER A 219 7.46 22.27 13.47
N HIS A 220 6.54 23.20 13.73
CA HIS A 220 5.81 23.90 12.67
C HIS A 220 5.98 25.38 12.76
N MET A 221 5.67 26.03 11.63
CA MET A 221 5.64 27.46 11.52
C MET A 221 4.28 27.83 11.01
N THR A 222 3.63 28.79 11.64
CA THR A 222 2.24 29.11 11.33
C THR A 222 2.24 30.16 10.20
N HIS A 223 1.37 29.97 9.21
CA HIS A 223 1.28 30.81 7.99
C HIS A 223 2.57 31.58 7.66
N LEU A 224 3.57 30.87 7.17
CA LEU A 224 4.83 31.48 6.70
C LEU A 224 4.63 32.83 6.06
N TYR A 225 5.43 33.83 6.51
CA TYR A 225 5.43 35.23 6.05
C TYR A 225 4.48 36.20 6.76
N ASN A 226 3.41 35.67 7.31
CA ASN A 226 2.38 36.45 7.98
C ASN A 226 2.56 36.48 9.49
N ALA A 227 2.58 37.70 10.06
CA ALA A 227 2.73 37.94 11.51
C ALA A 227 4.04 37.32 12.04
N MET A 228 5.11 37.63 11.33
CA MET A 228 6.43 37.04 11.58
C MET A 228 7.43 38.18 11.58
N SER A 229 8.48 38.09 12.43
CA SER A 229 9.59 39.03 12.28
C SER A 229 10.21 38.89 10.86
N PRO A 230 10.51 40.01 10.17
CA PRO A 230 10.94 39.90 8.75
C PRO A 230 12.34 39.25 8.53
N PHE A 231 12.66 38.92 7.27
CA PHE A 231 13.97 38.39 6.97
C PHE A 231 14.94 39.57 6.82
N HIS A 232 15.98 39.61 7.66
CA HIS A 232 17.10 40.46 7.33
C HIS A 232 18.25 39.53 7.06
N HIS A 233 19.07 39.84 6.05
CA HIS A 233 20.11 38.92 5.67
C HIS A 233 21.15 38.64 6.79
N ARG A 234 21.30 39.56 7.72
CA ARG A 234 22.20 39.31 8.86
C ARG A 234 21.44 38.93 10.16
N GLU A 235 20.12 39.11 10.17
CA GLU A 235 19.27 38.60 11.30
C GLU A 235 18.03 38.01 10.65
N PRO A 236 18.08 36.72 10.28
CA PRO A 236 17.05 36.07 9.44
C PRO A 236 15.63 36.04 10.04
N GLY A 237 15.53 36.17 11.36
CA GLY A 237 14.24 36.24 12.07
C GLY A 237 13.41 34.99 11.87
N VAL A 238 12.11 35.10 12.09
CA VAL A 238 11.24 33.96 11.93
C VAL A 238 11.18 33.51 10.47
N ILE A 239 11.04 34.46 9.55
CA ILE A 239 10.98 34.17 8.11
C ILE A 239 12.18 33.43 7.58
N GLY A 240 13.39 33.91 7.85
CA GLY A 240 14.60 33.21 7.38
C GLY A 240 14.83 31.85 8.03
N THR A 241 14.53 31.73 9.35
CA THR A 241 14.61 30.40 10.03
C THR A 241 13.58 29.43 9.51
N ALA A 242 12.36 29.90 9.27
CA ALA A 242 11.34 29.02 8.70
C ALA A 242 11.73 28.46 7.33
N LEU A 243 12.43 29.26 6.53
CA LEU A 243 12.86 28.83 5.20
C LEU A 243 14.05 27.91 5.23
N ALA A 244 15.06 28.21 6.05
CA ALA A 244 16.37 27.53 6.02
C ALA A 244 16.54 26.44 7.10
N HIS A 245 15.62 26.39 8.05
CA HIS A 245 15.75 25.39 9.13
C HIS A 245 14.90 24.18 8.84
N ASP A 246 15.58 23.07 8.55
CA ASP A 246 14.95 21.89 8.01
C ASP A 246 14.11 21.17 9.07
N GLY A 247 14.18 21.61 10.34
CA GLY A 247 13.38 21.01 11.40
C GLY A 247 11.98 21.60 11.49
N PHE A 248 11.64 22.53 10.59
CA PHE A 248 10.30 23.12 10.63
C PHE A 248 9.56 22.82 9.34
N VAL A 249 8.33 22.38 9.51
CA VAL A 249 7.34 22.32 8.41
C VAL A 249 6.60 23.65 8.42
N THR A 250 6.39 24.25 7.24
CA THR A 250 5.91 25.60 7.10
C THR A 250 4.45 25.54 6.50
N GLU A 251 3.45 26.09 7.20
CA GLU A 251 2.11 26.34 6.61
C GLU A 251 2.27 27.50 5.63
N LEU A 252 1.46 27.52 4.59
CA LEU A 252 1.46 28.61 3.65
C LEU A 252 0.07 28.84 3.08
N ILE A 253 -0.32 30.10 3.03
CA ILE A 253 -1.58 30.56 2.41
C ILE A 253 -1.33 30.96 0.96
N ALA A 254 -1.66 30.07 0.04
CA ALA A 254 -1.33 30.30 -1.37
C ALA A 254 -2.49 30.99 -2.11
N ASP A 255 -2.84 32.19 -1.67
CA ASP A 255 -3.90 32.98 -2.35
C ASP A 255 -3.37 34.07 -3.23
N GLY A 256 -2.04 34.25 -3.29
CA GLY A 256 -1.38 35.35 -4.00
C GLY A 256 -1.65 36.75 -3.45
N ILE A 257 -2.25 36.81 -2.26
CA ILE A 257 -2.54 38.05 -1.55
C ILE A 257 -1.76 38.11 -0.22
N HIS A 258 -1.80 37.04 0.57
CA HIS A 258 -1.00 37.02 1.80
C HIS A 258 0.50 37.16 1.50
N SER A 259 0.93 36.63 0.37
CA SER A 259 2.32 36.79 -0.07
C SER A 259 2.31 36.78 -1.60
N HIS A 260 3.32 37.43 -2.18
CA HIS A 260 3.60 37.44 -3.61
C HIS A 260 3.91 36.06 -4.23
N PRO A 261 3.50 35.83 -5.50
CA PRO A 261 3.82 34.57 -6.17
C PRO A 261 5.28 34.09 -6.04
N LEU A 262 6.23 35.02 -5.98
CA LEU A 262 7.65 34.64 -5.91
C LEU A 262 8.04 34.26 -4.49
N ALA A 263 7.28 34.78 -3.53
CA ALA A 263 7.46 34.42 -2.15
C ALA A 263 6.92 33.03 -1.90
N ALA A 264 5.74 32.72 -2.47
CA ALA A 264 5.23 31.35 -2.50
C ALA A 264 6.19 30.39 -3.17
N LYS A 265 6.74 30.81 -4.31
CA LYS A 265 7.69 29.96 -4.99
C LYS A 265 8.98 29.72 -4.15
N LEU A 266 9.50 30.77 -3.52
CA LEU A 266 10.67 30.66 -2.60
C LEU A 266 10.43 29.61 -1.50
N ALA A 267 9.24 29.61 -0.90
CA ALA A 267 8.85 28.64 0.15
C ALA A 267 8.94 27.23 -0.39
N PHE A 268 8.44 27.01 -1.61
CA PHE A 268 8.54 25.69 -2.27
C PHE A 268 10.02 25.30 -2.61
N LEU A 269 10.81 26.26 -3.08
CA LEU A 269 12.27 25.98 -3.37
C LEU A 269 13.03 25.59 -2.10
N ALA A 270 12.82 26.36 -1.04
CA ALA A 270 13.55 26.26 0.22
C ALA A 270 13.13 25.08 1.04
N LYS A 271 11.82 24.84 1.16
CA LYS A 271 11.27 23.72 1.92
C LYS A 271 11.25 22.38 1.20
N GLY A 272 11.03 22.40 -0.12
CA GLY A 272 10.69 21.19 -0.81
C GLY A 272 9.26 20.75 -0.51
N SER A 273 8.77 19.82 -1.34
CA SER A 273 7.36 19.44 -1.31
C SER A 273 7.00 18.52 -0.13
N SER A 274 7.97 18.13 0.67
CA SER A 274 7.66 17.29 1.84
C SER A 274 7.59 18.07 3.16
N LYS A 275 7.94 19.36 3.11
CA LYS A 275 8.07 20.22 4.29
C LYS A 275 7.22 21.51 4.20
N LEU A 276 6.22 21.48 3.34
CA LEU A 276 5.33 22.62 3.15
C LEU A 276 3.88 22.13 3.13
N ILE A 277 3.02 22.84 3.84
CA ILE A 277 1.62 22.44 4.06
C ILE A 277 0.75 23.67 3.69
N LEU A 278 0.05 23.60 2.56
CA LEU A 278 -0.92 24.64 2.20
C LEU A 278 -2.04 24.63 3.21
N ILE A 279 -2.51 25.81 3.62
CA ILE A 279 -3.68 25.98 4.50
C ILE A 279 -4.54 27.11 3.86
N THR A 280 -5.77 27.28 4.32
CA THR A 280 -6.56 28.45 3.87
C THR A 280 -6.49 29.64 4.84
N ASP A 281 -6.37 29.36 6.16
CA ASP A 281 -6.53 30.39 7.22
C ASP A 281 -7.81 31.17 6.97
N SER A 282 -8.84 30.50 6.46
CA SER A 282 -10.03 31.22 6.00
C SER A 282 -10.92 31.59 7.21
N MET A 283 -11.63 32.71 7.09
CA MET A 283 -12.61 33.10 8.12
C MET A 283 -14.04 33.06 7.54
N ARG A 284 -15.02 33.51 8.31
CA ARG A 284 -16.45 33.21 7.99
C ARG A 284 -16.96 33.76 6.65
N ALA A 285 -16.27 34.72 6.06
CA ALA A 285 -16.77 35.33 4.82
C ALA A 285 -16.37 34.55 3.60
N LYS A 286 -15.56 33.51 3.78
CA LYS A 286 -15.20 32.61 2.67
C LYS A 286 -16.44 31.96 2.07
N GLY A 287 -16.62 32.15 0.77
CA GLY A 287 -17.74 31.55 0.05
C GLY A 287 -19.05 32.30 0.21
N LEU A 288 -18.99 33.50 0.83
CA LEU A 288 -20.16 34.41 0.86
C LEU A 288 -19.82 35.61 -0.02
N LYS A 289 -20.45 36.76 0.22
CA LYS A 289 -20.29 37.94 -0.66
C LYS A 289 -19.56 39.08 0.08
N ASP A 290 -19.31 40.20 -0.61
CA ASP A 290 -18.71 41.39 0.05
C ASP A 290 -19.48 41.83 1.30
N GLY A 291 -18.78 42.40 2.27
CA GLY A 291 -19.45 42.69 3.52
C GLY A 291 -18.56 42.82 4.72
N VAL A 292 -19.16 43.02 5.88
CA VAL A 292 -18.40 43.07 7.11
C VAL A 292 -18.75 41.91 8.03
N TYR A 293 -17.72 41.28 8.61
CA TYR A 293 -17.97 40.04 9.32
C TYR A 293 -17.20 40.00 10.61
N GLU A 294 -17.76 39.33 11.60
CA GLU A 294 -17.00 39.22 12.84
C GLU A 294 -15.90 38.15 12.70
N PHE A 295 -14.77 38.50 13.25
CA PHE A 295 -13.67 37.60 13.35
C PHE A 295 -12.91 38.02 14.61
N GLY A 296 -12.92 37.15 15.61
CA GLY A 296 -12.23 37.41 16.87
C GLY A 296 -12.68 38.66 17.60
N GLY A 297 -13.95 39.04 17.37
CA GLY A 297 -14.56 40.19 18.02
C GLY A 297 -14.30 41.49 17.27
N GLN A 298 -13.65 41.40 16.10
CA GLN A 298 -13.36 42.58 15.28
C GLN A 298 -14.19 42.53 14.02
N SER A 299 -14.31 43.67 13.33
CA SER A 299 -15.11 43.76 12.13
C SER A 299 -14.17 43.66 10.97
N VAL A 300 -14.36 42.65 10.13
CA VAL A 300 -13.53 42.47 8.95
C VAL A 300 -14.33 42.82 7.73
N THR A 301 -13.77 43.70 6.91
CA THR A 301 -14.42 44.17 5.74
C THR A 301 -13.89 43.37 4.55
N VAL A 302 -14.77 42.60 3.95
CA VAL A 302 -14.34 41.78 2.84
C VAL A 302 -14.73 42.42 1.51
N ARG A 303 -13.74 42.80 0.72
CA ARG A 303 -13.96 43.24 -0.65
C ARG A 303 -13.08 42.47 -1.65
N GLY A 304 -13.70 41.83 -2.63
CA GLY A 304 -12.98 40.96 -3.56
C GLY A 304 -12.37 39.76 -2.87
N ARG A 305 -11.05 39.63 -2.98
CA ARG A 305 -10.35 38.50 -2.39
C ARG A 305 -9.68 38.91 -1.09
N THR A 306 -9.90 40.15 -0.66
CA THR A 306 -9.20 40.69 0.52
C THR A 306 -10.10 40.95 1.74
N ALA A 307 -9.72 40.35 2.87
CA ALA A 307 -10.37 40.54 4.15
C ALA A 307 -9.48 41.43 5.00
N LEU A 308 -9.96 42.64 5.30
CA LEU A 308 -9.17 43.62 6.08
C LEU A 308 -9.87 44.18 7.30
N LEU A 309 -9.09 44.39 8.37
CA LEU A 309 -9.51 45.26 9.48
C LEU A 309 -9.58 46.73 9.01
N SER A 310 -10.29 47.58 9.76
CA SER A 310 -10.42 49.00 9.38
C SER A 310 -9.08 49.75 9.13
N ASP A 311 -7.97 49.26 9.71
CA ASP A 311 -6.65 49.86 9.48
C ASP A 311 -5.88 49.23 8.34
N GLY A 312 -6.55 48.42 7.54
CA GLY A 312 -5.94 47.73 6.40
C GLY A 312 -5.11 46.48 6.69
N THR A 313 -5.02 46.07 7.98
CA THR A 313 -4.39 44.78 8.35
C THR A 313 -5.19 43.60 7.74
N LEU A 314 -4.50 42.69 7.04
CA LEU A 314 -5.12 41.44 6.57
C LEU A 314 -5.63 40.60 7.74
N ALA A 315 -6.80 39.99 7.56
CA ALA A 315 -7.46 39.35 8.65
C ALA A 315 -8.10 38.06 8.17
N GLY A 316 -7.32 36.98 8.20
CA GLY A 316 -7.79 35.69 7.68
C GLY A 316 -7.87 35.76 6.16
N SER A 317 -8.31 34.68 5.54
CA SER A 317 -8.46 34.68 4.08
C SER A 317 -9.89 34.36 3.65
N ILE A 318 -10.07 34.48 2.34
CA ILE A 318 -11.27 34.08 1.63
C ILE A 318 -10.92 32.89 0.72
N LEU A 319 -9.78 32.20 1.01
CA LEU A 319 -9.26 31.14 0.13
C LEU A 319 -9.94 29.78 0.28
N LYS A 320 -10.37 29.22 -0.84
CA LYS A 320 -10.78 27.85 -0.92
C LYS A 320 -9.59 26.94 -1.16
N MET A 321 -9.57 25.79 -0.48
CA MET A 321 -8.41 24.88 -0.47
C MET A 321 -7.92 24.46 -1.86
N ASN A 322 -8.85 24.03 -2.71
CA ASN A 322 -8.49 23.65 -4.09
C ASN A 322 -7.88 24.81 -4.88
N GLU A 323 -8.33 26.02 -4.61
CA GLU A 323 -7.82 27.20 -5.29
C GLU A 323 -6.37 27.49 -4.89
N GLY A 324 -6.02 27.23 -3.63
CA GLY A 324 -4.61 27.23 -3.20
C GLY A 324 -3.67 26.30 -3.98
N ALA A 325 -4.14 25.09 -4.24
CA ALA A 325 -3.47 24.12 -5.12
C ALA A 325 -3.23 24.69 -6.53
N ARG A 326 -4.26 25.33 -7.04
CA ARG A 326 -4.18 25.88 -8.40
C ARG A 326 -3.13 26.96 -8.42
N HIS A 327 -3.19 27.91 -7.49
CA HIS A 327 -2.16 28.95 -7.44
C HIS A 327 -0.73 28.40 -7.30
N MET A 328 -0.53 27.42 -6.44
CA MET A 328 0.80 26.87 -6.24
C MET A 328 1.36 26.22 -7.50
N ARG A 329 0.51 25.48 -8.19
CA ARG A 329 0.83 24.99 -9.54
C ARG A 329 1.24 26.12 -10.49
N GLU A 330 0.50 27.23 -10.51
CA GLU A 330 0.92 28.41 -11.30
C GLU A 330 2.25 29.01 -10.82
N PHE A 331 2.43 29.06 -9.49
CA PHE A 331 3.62 29.77 -8.94
C PHE A 331 4.93 29.01 -9.13
N THR A 332 4.84 27.69 -9.23
CA THR A 332 6.01 26.83 -9.11
C THR A 332 6.08 25.77 -10.20
N ASN A 333 5.03 25.58 -11.00
CA ASN A 333 4.97 24.46 -11.98
C ASN A 333 5.21 23.06 -11.36
N CYS A 334 4.77 22.88 -10.11
CA CYS A 334 4.99 21.61 -9.40
C CYS A 334 4.16 20.48 -9.98
N SER A 335 4.51 19.23 -9.64
CA SER A 335 3.77 18.06 -10.10
C SER A 335 2.45 17.82 -9.34
N TRP A 336 1.63 16.92 -9.86
CA TRP A 336 0.39 16.50 -9.22
C TRP A 336 0.69 15.79 -7.90
N THR A 337 1.77 15.00 -7.93
CA THR A 337 2.41 14.42 -6.74
C THR A 337 2.75 15.45 -5.61
N ASP A 338 3.34 16.57 -6.00
CA ASP A 338 3.66 17.64 -5.08
C ASP A 338 2.40 18.24 -4.51
N ILE A 339 1.39 18.45 -5.37
CA ILE A 339 0.06 18.89 -4.91
C ILE A 339 -0.54 17.99 -3.85
N ALA A 340 -0.53 16.68 -4.09
CA ALA A 340 -1.00 15.69 -3.08
C ALA A 340 -0.24 15.83 -1.75
N ASN A 341 1.08 15.97 -1.85
CA ASN A 341 1.92 16.33 -0.69
C ASN A 341 1.48 17.57 0.09
N ILE A 342 1.48 18.74 -0.57
CA ILE A 342 1.25 19.99 0.08
C ILE A 342 -0.22 20.28 0.38
N THR A 343 -1.15 19.44 -0.08
CA THR A 343 -2.58 19.60 0.26
C THR A 343 -3.16 18.51 1.15
N SER A 344 -2.42 17.43 1.36
CA SER A 344 -2.96 16.24 2.01
C SER A 344 -1.96 15.37 2.79
N GLU A 345 -0.91 14.90 2.11
CA GLU A 345 -0.03 13.85 2.65
C GLU A 345 0.80 14.37 3.82
N ASN A 346 1.42 15.52 3.65
CA ASN A 346 2.26 16.10 4.70
C ASN A 346 1.50 16.37 6.00
N ALA A 347 0.32 16.99 5.88
CA ALA A 347 -0.64 17.17 7.00
C ALA A 347 -0.91 15.90 7.73
N ALA A 348 -1.28 14.83 7.00
CA ALA A 348 -1.61 13.53 7.59
C ALA A 348 -0.42 12.97 8.34
N LYS A 349 0.74 12.99 7.70
CA LYS A 349 1.94 12.50 8.36
C LYS A 349 2.26 13.28 9.65
N GLN A 350 2.12 14.61 9.55
CA GLN A 350 2.43 15.49 10.69
C GLN A 350 1.45 15.31 11.85
N LEU A 351 0.19 14.98 11.53
CA LEU A 351 -0.86 14.73 12.55
C LEU A 351 -0.83 13.31 13.10
N GLY A 352 0.04 12.48 12.53
CA GLY A 352 0.22 11.10 12.92
C GLY A 352 -0.94 10.25 12.45
N ILE A 353 -1.65 10.70 11.39
CA ILE A 353 -2.81 9.93 10.91
C ILE A 353 -2.61 9.42 9.45
N PHE A 354 -1.36 9.21 9.02
CA PHE A 354 -1.08 8.75 7.66
C PHE A 354 -1.52 7.29 7.42
N ASP A 355 -1.80 6.58 8.51
CA ASP A 355 -2.32 5.23 8.41
C ASP A 355 -3.75 5.27 7.88
N ARG A 356 -4.40 6.42 8.02
CA ARG A 356 -5.79 6.48 7.56
C ARG A 356 -6.14 7.62 6.62
N LYS A 357 -5.29 8.64 6.51
CA LYS A 357 -5.59 9.75 5.58
C LYS A 357 -4.39 10.05 4.73
N GLY A 358 -4.60 10.85 3.69
CA GLY A 358 -3.48 11.55 3.05
C GLY A 358 -2.85 10.91 1.83
N SER A 359 -3.31 9.72 1.44
CA SER A 359 -2.92 9.09 0.15
C SER A 359 -3.98 8.22 -0.40
N VAL A 360 -4.06 8.16 -1.73
CA VAL A 360 -4.88 7.14 -2.42
C VAL A 360 -4.27 5.70 -2.36
N THR A 361 -4.56 4.98 -1.26
CA THR A 361 -3.85 3.75 -0.90
C THR A 361 -4.83 2.79 -0.24
N VAL A 362 -4.82 1.53 -0.66
CA VAL A 362 -5.64 0.46 -0.06
C VAL A 362 -5.49 0.43 1.47
N GLY A 363 -6.64 0.39 2.15
CA GLY A 363 -6.65 0.31 3.63
C GLY A 363 -7.00 1.63 4.33
N LYS A 364 -6.75 2.75 3.64
CA LYS A 364 -6.96 4.08 4.21
C LYS A 364 -8.41 4.48 4.03
N ASP A 365 -8.86 5.45 4.83
CA ASP A 365 -10.20 6.04 4.67
C ASP A 365 -10.32 6.48 3.23
N ALA A 366 -11.53 6.34 2.70
CA ALA A 366 -11.84 6.76 1.33
C ALA A 366 -12.24 8.22 1.39
N ASP A 367 -11.23 9.07 1.63
CA ASP A 367 -11.30 10.54 1.55
C ASP A 367 -10.58 10.90 0.28
N LEU A 368 -11.34 11.44 -0.68
CA LEU A 368 -10.85 11.61 -2.05
C LEU A 368 -11.48 12.77 -2.71
N VAL A 369 -10.74 13.42 -3.60
CA VAL A 369 -11.31 14.47 -4.40
C VAL A 369 -11.04 14.25 -5.90
N ILE A 370 -12.09 14.31 -6.72
CA ILE A 370 -11.93 14.34 -8.17
C ILE A 370 -11.87 15.81 -8.57
N VAL A 371 -10.82 16.19 -9.30
CA VAL A 371 -10.58 17.54 -9.80
C VAL A 371 -10.21 17.54 -11.28
N SER A 372 -10.38 18.68 -11.93
CA SER A 372 -10.00 18.88 -13.32
C SER A 372 -8.53 19.24 -13.34
N SER A 373 -7.96 19.38 -14.55
CA SER A 373 -6.55 19.65 -14.75
C SER A 373 -6.20 21.02 -14.22
N ASP A 374 -7.23 21.72 -13.78
CA ASP A 374 -7.09 23.07 -13.30
C ASP A 374 -7.48 23.17 -11.84
N CYS A 375 -7.62 22.03 -11.18
CA CYS A 375 -7.97 21.95 -9.75
C CYS A 375 -9.39 22.40 -9.39
N GLU A 376 -10.31 22.49 -10.37
CA GLU A 376 -11.72 22.71 -10.00
C GLU A 376 -12.21 21.43 -9.40
N VAL A 377 -13.03 21.54 -8.34
CA VAL A 377 -13.59 20.38 -7.69
C VAL A 377 -14.76 19.82 -8.51
N ILE A 378 -14.72 18.51 -8.79
CA ILE A 378 -15.78 17.82 -9.55
C ILE A 378 -16.62 16.97 -8.59
N LEU A 379 -15.97 16.32 -7.63
CA LEU A 379 -16.67 15.43 -6.71
C LEU A 379 -15.79 15.17 -5.48
N THR A 380 -16.40 15.07 -4.31
CA THR A 380 -15.64 14.77 -3.08
C THR A 380 -16.31 13.64 -2.32
N ILE A 381 -15.52 12.69 -1.87
CA ILE A 381 -15.95 11.57 -1.04
C ILE A 381 -15.28 11.71 0.34
N CYS A 382 -16.08 11.51 1.41
CA CYS A 382 -15.64 11.61 2.80
C CYS A 382 -15.96 10.32 3.55
N ARG A 383 -14.91 9.60 3.91
CA ARG A 383 -15.05 8.32 4.56
C ARG A 383 -16.05 7.46 3.80
N GLY A 384 -15.96 7.53 2.47
CA GLY A 384 -16.69 6.61 1.63
C GLY A 384 -18.02 7.09 1.10
N ASN A 385 -18.49 8.21 1.64
CA ASN A 385 -19.77 8.83 1.15
C ASN A 385 -19.50 10.04 0.29
N ILE A 386 -20.19 10.12 -0.86
CA ILE A 386 -20.13 11.34 -1.70
C ILE A 386 -20.67 12.55 -0.91
N ALA A 387 -19.81 13.57 -0.76
CA ALA A 387 -20.10 14.74 0.08
C ALA A 387 -20.32 16.02 -0.73
N PHE A 388 -19.92 15.95 -2.00
CA PHE A 388 -20.07 17.05 -2.93
C PHE A 388 -20.06 16.49 -4.33
N ILE A 389 -20.95 17.00 -5.18
CA ILE A 389 -20.95 16.74 -6.62
C ILE A 389 -21.24 18.07 -7.29
N SER A 390 -20.35 18.50 -8.18
CA SER A 390 -20.46 19.80 -8.84
C SER A 390 -21.56 19.85 -9.92
N LYS A 391 -21.48 20.84 -10.81
CA LYS A 391 -22.37 21.00 -11.97
C LYS A 391 -22.26 19.83 -12.93
N GLU A 392 -21.10 19.17 -12.96
CA GLU A 392 -20.99 17.95 -13.76
C GLU A 392 -21.47 16.75 -12.96
N ALA A 393 -22.80 16.64 -12.91
CA ALA A 393 -23.55 15.44 -12.50
C ALA A 393 -23.86 14.65 -13.78
N ASP A 394 -24.02 13.32 -13.62
CA ASP A 394 -24.04 12.35 -14.73
C ASP A 394 -22.62 11.96 -15.19
N ALA B 2 -7.88 -15.48 13.35
CA ALA B 2 -8.46 -14.15 13.78
C ALA B 2 -7.70 -13.46 14.92
N GLU B 3 -7.15 -14.27 15.85
CA GLU B 3 -6.33 -13.75 16.95
C GLU B 3 -5.22 -12.83 16.41
N SER B 4 -5.31 -11.54 16.74
CA SER B 4 -4.43 -10.52 16.21
C SER B 4 -2.97 -10.74 16.62
N LEU B 5 -2.06 -10.45 15.70
CA LEU B 5 -0.66 -10.76 15.88
C LEU B 5 0.20 -9.53 15.55
N LEU B 6 1.26 -9.32 16.33
CA LEU B 6 2.22 -8.29 16.05
C LEU B 6 3.61 -8.86 16.01
N ILE B 7 4.29 -8.62 14.88
CA ILE B 7 5.69 -8.96 14.71
C ILE B 7 6.47 -7.66 14.92
N LYS B 8 7.56 -7.75 15.70
CA LYS B 8 8.20 -6.55 16.23
C LYS B 8 9.67 -6.52 15.96
N ASP B 9 10.17 -5.36 15.58
CA ASP B 9 11.58 -5.15 15.32
C ASP B 9 12.14 -6.14 14.32
N ILE B 10 11.65 -6.08 13.09
CA ILE B 10 12.14 -6.96 12.03
C ILE B 10 12.44 -6.18 10.76
N ALA B 11 13.47 -6.59 10.02
CA ALA B 11 13.67 -6.10 8.65
C ALA B 11 12.50 -6.61 7.80
N ILE B 12 11.70 -5.70 7.23
CA ILE B 12 10.53 -6.09 6.40
C ILE B 12 10.83 -5.88 4.91
N VAL B 13 10.69 -6.96 4.14
CA VAL B 13 10.83 -6.87 2.67
C VAL B 13 9.45 -6.56 2.07
N THR B 14 9.22 -5.29 1.79
CA THR B 14 7.93 -4.92 1.19
C THR B 14 8.00 -5.05 -0.33
N GLU B 15 6.97 -4.61 -1.04
CA GLU B 15 6.96 -4.65 -2.49
C GLU B 15 8.15 -3.93 -3.15
N ASN B 16 8.54 -2.77 -2.61
CA ASN B 16 9.65 -2.00 -3.19
C ASN B 16 10.83 -1.73 -2.28
N GLU B 17 10.73 -2.03 -1.00
CA GLU B 17 11.87 -1.74 -0.14
C GLU B 17 12.11 -2.73 1.00
N VAL B 18 13.20 -2.49 1.74
CA VAL B 18 13.43 -3.18 2.99
C VAL B 18 13.49 -2.14 4.10
N ILE B 19 12.46 -2.19 4.93
CA ILE B 19 12.34 -1.39 6.12
C ILE B 19 13.26 -2.05 7.16
N LYS B 20 14.34 -1.35 7.50
CA LYS B 20 15.43 -1.85 8.34
C LYS B 20 14.94 -2.42 9.66
N ASN B 21 14.03 -1.71 10.30
CA ASN B 21 13.46 -2.25 11.49
C ASN B 21 12.02 -1.78 11.62
N GLY B 22 11.07 -2.71 11.62
CA GLY B 22 9.67 -2.34 11.59
C GLY B 22 8.74 -3.30 12.30
N TYR B 23 7.46 -3.00 12.25
CA TYR B 23 6.42 -3.74 12.91
C TYR B 23 5.42 -4.12 11.86
N VAL B 24 4.91 -5.33 11.96
CA VAL B 24 3.73 -5.70 11.16
C VAL B 24 2.63 -6.22 12.08
N GLY B 25 1.46 -5.61 11.92
CA GLY B 25 0.31 -5.94 12.72
C GLY B 25 -0.71 -6.57 11.85
N ILE B 26 -1.32 -7.63 12.38
CA ILE B 26 -2.22 -8.49 11.62
C ILE B 26 -3.49 -8.59 12.39
N ASN B 27 -4.62 -8.38 11.71
CA ASN B 27 -5.94 -8.47 12.26
C ASN B 27 -6.86 -9.13 11.26
N ASP B 28 -7.66 -10.10 11.73
CA ASP B 28 -8.70 -10.74 10.91
C ASP B 28 -8.15 -11.39 9.64
N GLY B 29 -6.99 -12.06 9.77
CA GLY B 29 -6.28 -12.70 8.65
C GLY B 29 -5.56 -11.79 7.65
N LYS B 30 -5.53 -10.49 7.94
CA LYS B 30 -5.00 -9.49 6.98
C LYS B 30 -3.91 -8.60 7.53
N ILE B 31 -3.01 -8.14 6.67
CA ILE B 31 -2.01 -7.16 7.10
C ILE B 31 -2.74 -5.82 7.35
N SER B 32 -2.58 -5.29 8.57
CA SER B 32 -3.28 -4.11 9.07
C SER B 32 -2.37 -2.91 9.12
N THR B 33 -1.13 -3.15 9.52
CA THR B 33 -0.11 -2.12 9.60
C THR B 33 1.31 -2.61 9.27
N VAL B 34 2.03 -1.75 8.58
CA VAL B 34 3.43 -1.94 8.28
C VAL B 34 4.07 -0.59 8.60
N SER B 35 4.83 -0.51 9.69
CA SER B 35 5.39 0.76 10.10
C SER B 35 6.78 0.65 10.65
N THR B 36 7.46 1.78 10.79
CA THR B 36 8.71 1.84 11.55
C THR B 36 8.41 1.88 13.05
N GLU B 37 7.17 2.27 13.39
CA GLU B 37 6.74 2.58 14.76
C GLU B 37 5.74 1.57 15.31
N ARG B 38 5.99 1.08 16.53
CA ARG B 38 4.98 0.31 17.30
C ARG B 38 3.62 0.94 17.05
N PRO B 39 2.63 0.16 16.58
CA PRO B 39 1.29 0.76 16.42
C PRO B 39 0.59 1.03 17.77
N LYS B 40 -0.50 1.80 17.71
CA LYS B 40 -1.30 2.14 18.90
C LYS B 40 -2.18 0.99 19.37
N GLU B 41 -2.98 0.46 18.45
CA GLU B 41 -3.99 -0.56 18.72
C GLU B 41 -3.48 -1.79 19.51
N PRO B 42 -4.38 -2.48 20.23
CA PRO B 42 -3.96 -3.60 21.08
C PRO B 42 -3.85 -4.94 20.33
N TYR B 43 -2.83 -5.74 20.65
CA TYR B 43 -2.60 -7.04 19.97
C TYR B 43 -2.57 -8.25 20.92
N SER B 44 -3.35 -9.29 20.59
CA SER B 44 -3.45 -10.51 21.43
C SER B 44 -2.16 -11.31 21.58
N LYS B 45 -1.41 -11.46 20.49
CA LYS B 45 -0.10 -12.11 20.54
C LYS B 45 0.99 -11.22 19.91
N GLU B 46 2.21 -11.30 20.43
CA GLU B 46 3.30 -10.49 19.91
C GLU B 46 4.57 -11.33 19.86
N ILE B 47 5.31 -11.20 18.75
CA ILE B 47 6.51 -11.98 18.57
C ILE B 47 7.71 -11.08 18.34
N GLN B 48 8.66 -11.18 19.24
CA GLN B 48 9.88 -10.43 19.13
C GLN B 48 10.80 -11.20 18.18
N ALA B 49 11.00 -10.64 16.99
CA ALA B 49 11.81 -11.26 15.96
C ALA B 49 13.28 -11.36 16.36
N PRO B 50 13.92 -12.51 16.11
CA PRO B 50 15.35 -12.68 16.43
C PRO B 50 16.30 -11.69 15.77
N ALA B 51 17.47 -11.48 16.39
CA ALA B 51 18.47 -10.49 15.95
C ALA B 51 18.66 -10.39 14.43
N ASP B 52 18.93 -11.50 13.77
CA ASP B 52 19.40 -11.42 12.39
C ASP B 52 18.29 -11.34 11.33
N SER B 53 17.03 -11.37 11.74
CA SER B 53 15.99 -11.93 10.90
C SER B 53 15.35 -11.00 9.83
N VAL B 54 14.57 -11.62 8.93
CA VAL B 54 13.98 -10.92 7.76
C VAL B 54 12.58 -11.40 7.58
N LEU B 55 11.64 -10.46 7.42
CA LEU B 55 10.25 -10.79 7.14
C LEU B 55 9.97 -10.70 5.62
N LEU B 56 9.62 -11.85 5.05
CA LEU B 56 9.31 -11.96 3.62
C LEU B 56 7.80 -12.21 3.45
N PRO B 57 7.25 -11.88 2.27
CA PRO B 57 5.90 -12.39 1.96
C PRO B 57 5.99 -13.92 1.79
N GLY B 58 4.97 -14.61 2.28
CA GLY B 58 4.91 -16.07 2.20
C GLY B 58 5.18 -16.54 0.78
N MET B 59 6.03 -17.56 0.65
CA MET B 59 6.39 -18.07 -0.65
C MET B 59 5.23 -18.87 -1.29
N ILE B 60 5.17 -18.75 -2.62
CA ILE B 60 4.12 -19.36 -3.45
C ILE B 60 4.78 -20.36 -4.38
N ASP B 61 4.36 -21.61 -4.29
CA ASP B 61 4.93 -22.65 -5.11
C ASP B 61 3.93 -23.07 -6.19
N ILE B 62 4.18 -22.70 -7.45
CA ILE B 62 3.18 -22.92 -8.51
C ILE B 62 3.34 -24.24 -9.30
N HIS B 63 4.34 -25.02 -8.94
CA HIS B 63 4.61 -26.28 -9.58
C HIS B 63 5.21 -27.21 -8.50
N ILE B 64 4.30 -27.92 -7.83
CA ILE B 64 4.68 -28.88 -6.80
C ILE B 64 3.80 -30.15 -6.82
N HIS B 65 4.42 -31.33 -6.91
CA HIS B 65 3.61 -32.57 -7.02
C HIS B 65 3.17 -33.14 -5.70
N GLY B 66 4.05 -33.04 -4.70
CA GLY B 66 3.80 -33.64 -3.42
C GLY B 66 4.92 -33.32 -2.48
N GLY B 67 4.91 -34.01 -1.35
CA GLY B 67 5.93 -33.85 -0.32
C GLY B 67 5.49 -34.54 0.96
N TYR B 68 6.47 -34.87 1.80
CA TYR B 68 6.24 -35.38 3.17
C TYR B 68 5.46 -36.71 3.18
N GLY B 69 5.64 -37.48 2.10
CA GLY B 69 4.87 -38.70 1.88
C GLY B 69 3.63 -38.65 1.02
N ALA B 70 3.15 -37.44 0.68
CA ALA B 70 1.90 -37.21 -0.09
C ALA B 70 2.14 -36.77 -1.56
N ASP B 71 1.18 -37.04 -2.45
CA ASP B 71 1.31 -36.64 -3.83
C ASP B 71 -0.09 -36.36 -4.34
N THR B 72 -0.28 -35.20 -4.97
CA THR B 72 -1.51 -34.78 -5.60
C THR B 72 -2.34 -35.91 -6.26
N MET B 73 -1.67 -36.80 -6.97
CA MET B 73 -2.37 -37.85 -7.72
C MET B 73 -3.01 -38.88 -6.78
N ASP B 74 -2.45 -39.08 -5.60
CA ASP B 74 -3.05 -39.95 -4.59
C ASP B 74 -4.54 -39.67 -4.35
N ALA B 75 -5.02 -38.49 -4.77
CA ALA B 75 -6.43 -38.12 -4.72
C ALA B 75 -7.19 -38.43 -3.39
N SER B 76 -6.55 -38.17 -2.25
CA SER B 76 -7.25 -38.21 -0.95
C SER B 76 -7.10 -36.90 -0.13
N PHE B 77 -8.07 -36.63 0.74
CA PHE B 77 -8.04 -35.48 1.61
C PHE B 77 -6.73 -35.53 2.41
N SER B 78 -6.33 -36.73 2.82
CA SER B 78 -5.08 -36.88 3.58
C SER B 78 -3.89 -36.19 2.88
N THR B 79 -3.90 -36.30 1.55
CA THR B 79 -2.88 -35.77 0.66
C THR B 79 -2.67 -34.26 0.91
N LEU B 80 -3.78 -33.53 0.86
CA LEU B 80 -3.80 -32.09 0.97
C LEU B 80 -3.68 -31.59 2.42
N ASP B 81 -4.03 -32.44 3.39
CA ASP B 81 -3.86 -32.16 4.82
C ASP B 81 -2.38 -32.16 5.13
N ILE B 82 -1.67 -33.14 4.57
CA ILE B 82 -0.22 -33.26 4.74
C ILE B 82 0.52 -32.06 4.09
N MET B 83 0.17 -31.79 2.82
CA MET B 83 0.77 -30.69 2.00
C MET B 83 0.56 -29.30 2.59
N SER B 84 -0.69 -28.94 2.91
CA SER B 84 -0.96 -27.65 3.55
C SER B 84 -0.28 -27.52 4.92
N SER B 85 -0.24 -28.63 5.68
CA SER B 85 0.20 -28.56 7.05
C SER B 85 1.72 -28.50 7.11
N ARG B 86 2.38 -29.19 6.17
CA ARG B 86 3.84 -29.27 6.23
C ARG B 86 4.55 -28.27 5.32
N LEU B 87 3.89 -27.81 4.25
CA LEU B 87 4.51 -26.81 3.35
C LEU B 87 5.02 -25.54 4.06
N PRO B 88 4.23 -24.99 5.00
CA PRO B 88 4.75 -23.87 5.79
C PRO B 88 6.11 -24.12 6.44
N GLU B 89 6.54 -25.38 6.59
CA GLU B 89 7.87 -25.58 7.20
C GLU B 89 8.97 -25.11 6.26
N GLU B 90 8.62 -25.06 4.96
CA GLU B 90 9.48 -24.56 3.86
C GLU B 90 9.39 -23.06 3.56
N GLY B 91 8.49 -22.36 4.25
CA GLY B 91 8.19 -20.94 3.98
C GLY B 91 7.00 -20.75 3.04
N THR B 92 6.41 -21.86 2.59
CA THR B 92 5.37 -21.82 1.54
C THR B 92 4.05 -21.65 2.21
N THR B 93 3.33 -20.62 1.79
CA THR B 93 2.08 -20.27 2.38
C THR B 93 0.94 -20.48 1.40
N SER B 94 1.28 -20.70 0.14
CA SER B 94 0.28 -21.02 -0.89
C SER B 94 0.93 -21.78 -2.06
N PHE B 95 0.11 -22.56 -2.78
CA PHE B 95 0.61 -23.57 -3.74
C PHE B 95 -0.43 -23.97 -4.74
N LEU B 96 0.04 -24.39 -5.91
CA LEU B 96 -0.83 -25.12 -6.84
C LEU B 96 -0.45 -26.60 -6.82
N ALA B 97 -1.36 -27.43 -6.30
CA ALA B 97 -1.25 -28.88 -6.42
C ALA B 97 -1.07 -29.27 -7.91
N THR B 98 0.02 -30.00 -8.19
CA THR B 98 0.39 -30.30 -9.56
C THR B 98 0.12 -31.76 -9.92
N THR B 99 -0.53 -31.97 -11.05
CA THR B 99 -0.79 -33.30 -11.53
C THR B 99 0.38 -33.75 -12.40
N ILE B 100 0.25 -34.95 -12.97
CA ILE B 100 1.26 -35.53 -13.86
C ILE B 100 0.49 -36.26 -14.97
N THR B 101 1.08 -36.29 -16.17
CA THR B 101 0.69 -37.20 -17.27
C THR B 101 0.33 -38.59 -16.73
N GLN B 102 -0.85 -39.05 -17.09
CA GLN B 102 -1.41 -40.27 -16.53
C GLN B 102 -2.69 -40.59 -17.28
N GLU B 103 -3.28 -41.72 -16.92
CA GLU B 103 -4.56 -42.14 -17.46
C GLU B 103 -5.63 -41.09 -17.10
N HIS B 104 -6.49 -40.72 -18.04
CA HIS B 104 -7.40 -39.58 -17.83
C HIS B 104 -8.26 -39.63 -16.53
N GLY B 105 -8.75 -40.81 -16.13
CA GLY B 105 -9.57 -40.90 -14.96
C GLY B 105 -8.76 -40.86 -13.69
N ASN B 106 -7.50 -41.28 -13.77
CA ASN B 106 -6.55 -41.07 -12.70
C ASN B 106 -6.35 -39.58 -12.40
N ILE B 107 -6.36 -38.79 -13.47
CA ILE B 107 -6.23 -37.34 -13.43
C ILE B 107 -7.55 -36.78 -12.93
N SER B 108 -8.66 -37.18 -13.57
CA SER B 108 -10.03 -36.79 -13.13
C SER B 108 -10.23 -36.96 -11.61
N GLN B 109 -9.80 -38.09 -11.04
CA GLN B 109 -9.90 -38.30 -9.60
C GLN B 109 -9.08 -37.30 -8.76
N ALA B 110 -7.87 -36.94 -9.23
CA ALA B 110 -6.99 -36.00 -8.52
C ALA B 110 -7.62 -34.63 -8.42
N LEU B 111 -8.27 -34.23 -9.50
CA LEU B 111 -8.94 -32.96 -9.65
C LEU B 111 -10.16 -32.82 -8.74
N VAL B 112 -11.01 -33.86 -8.72
CA VAL B 112 -12.20 -33.90 -7.87
C VAL B 112 -11.81 -33.85 -6.40
N ASN B 113 -10.80 -34.65 -5.99
CA ASN B 113 -10.34 -34.60 -4.60
C ASN B 113 -9.91 -33.18 -4.19
N ALA B 114 -9.25 -32.47 -5.11
CA ALA B 114 -8.79 -31.10 -4.86
C ALA B 114 -9.96 -30.14 -4.63
N ARG B 115 -10.90 -30.10 -5.58
CA ARG B 115 -12.16 -29.38 -5.43
C ARG B 115 -12.89 -29.66 -4.08
N GLU B 116 -13.09 -30.93 -3.77
CA GLU B 116 -13.85 -31.32 -2.58
C GLU B 116 -13.12 -31.01 -1.29
N TRP B 117 -11.80 -31.16 -1.29
CA TRP B 117 -11.00 -30.84 -0.11
C TRP B 117 -11.04 -29.33 0.19
N LYS B 118 -10.88 -28.52 -0.85
CA LYS B 118 -10.96 -27.07 -0.71
C LYS B 118 -12.33 -26.67 -0.12
N ALA B 119 -13.42 -27.08 -0.77
CA ALA B 119 -14.84 -26.81 -0.37
C ALA B 119 -15.23 -27.24 1.05
N ALA B 120 -14.69 -28.36 1.50
CA ALA B 120 -14.93 -28.88 2.83
C ALA B 120 -14.58 -27.86 3.94
N GLU B 121 -13.70 -26.92 3.61
CA GLU B 121 -13.32 -25.85 4.50
C GLU B 121 -12.97 -26.31 5.91
N GLU B 122 -12.12 -27.33 5.99
CA GLU B 122 -11.67 -27.83 7.29
C GLU B 122 -10.13 -27.64 7.34
N SER B 123 -9.36 -28.60 6.85
CA SER B 123 -7.91 -28.38 6.72
C SER B 123 -7.50 -27.28 5.70
N SER B 124 -8.43 -26.93 4.80
CA SER B 124 -8.19 -25.96 3.75
C SER B 124 -8.18 -24.52 4.24
N LEU B 125 -8.45 -24.38 5.52
CA LEU B 125 -8.53 -23.08 6.18
C LEU B 125 -7.20 -22.79 6.85
N LEU B 126 -6.39 -23.84 6.92
CA LEU B 126 -5.15 -23.84 7.68
C LEU B 126 -3.92 -24.24 6.83
N GLY B 127 -2.75 -23.80 7.27
CA GLY B 127 -1.54 -24.11 6.56
C GLY B 127 -1.50 -23.41 5.20
N ALA B 128 -0.57 -23.83 4.35
CA ALA B 128 -0.49 -23.29 2.98
C ALA B 128 -1.82 -23.42 2.24
N GLU B 129 -2.26 -22.36 1.58
CA GLU B 129 -3.53 -22.38 0.88
C GLU B 129 -3.40 -23.02 -0.48
N LEU B 130 -4.41 -23.84 -0.84
CA LEU B 130 -4.51 -24.42 -2.17
C LEU B 130 -5.11 -23.38 -3.11
N LEU B 131 -4.26 -22.78 -3.94
CA LEU B 131 -4.71 -21.76 -4.92
C LEU B 131 -5.44 -22.40 -6.10
N GLY B 132 -5.16 -23.66 -6.29
CA GLY B 132 -5.72 -24.43 -7.39
C GLY B 132 -4.75 -25.48 -7.88
N ILE B 133 -4.85 -25.77 -9.17
CA ILE B 133 -4.19 -26.87 -9.84
C ILE B 133 -3.28 -26.36 -10.97
N HIS B 134 -2.09 -26.96 -11.05
CA HIS B 134 -1.23 -26.88 -12.21
C HIS B 134 -1.36 -28.26 -12.88
N LEU B 135 -1.98 -28.28 -14.06
CA LEU B 135 -2.15 -29.51 -14.82
C LEU B 135 -0.87 -29.73 -15.63
N GLU B 136 0.04 -30.57 -15.12
CA GLU B 136 1.25 -30.83 -15.89
C GLU B 136 1.01 -32.06 -16.75
N GLY B 137 0.95 -31.88 -18.07
CA GLY B 137 0.59 -32.98 -18.97
C GLY B 137 -0.91 -33.30 -18.92
N PRO B 138 -1.37 -34.22 -19.79
CA PRO B 138 -0.59 -35.16 -20.59
C PRO B 138 -0.33 -34.65 -22.01
N PHE B 139 -0.63 -33.40 -22.28
CA PHE B 139 -0.52 -32.86 -23.65
C PHE B 139 0.90 -32.40 -24.03
N VAL B 140 1.86 -33.30 -23.86
CA VAL B 140 3.28 -32.95 -24.02
C VAL B 140 3.99 -33.81 -25.10
N SER B 141 5.29 -33.55 -25.32
CA SER B 141 6.09 -34.25 -26.33
C SER B 141 6.58 -35.62 -25.88
N PRO B 142 6.36 -36.65 -26.74
CA PRO B 142 6.97 -37.95 -26.55
C PRO B 142 8.49 -37.89 -26.54
N LYS B 143 9.09 -36.86 -27.14
CA LYS B 143 10.57 -36.68 -27.21
C LYS B 143 11.17 -35.95 -26.02
N ARG B 144 10.33 -35.55 -25.07
CA ARG B 144 10.73 -34.73 -23.93
C ARG B 144 9.86 -35.12 -22.74
N ALA B 145 9.69 -36.43 -22.52
CA ALA B 145 8.84 -36.95 -21.46
C ALA B 145 9.47 -36.75 -20.09
N GLY B 146 10.79 -36.85 -20.03
CA GLY B 146 11.47 -36.92 -18.73
C GLY B 146 10.80 -38.01 -17.90
N ALA B 147 10.29 -37.63 -16.73
CA ALA B 147 9.61 -38.56 -15.85
C ALA B 147 8.08 -38.65 -16.04
N GLN B 148 7.52 -37.96 -17.02
CA GLN B 148 6.11 -38.18 -17.37
C GLN B 148 5.92 -39.61 -18.00
N PRO B 149 4.92 -40.40 -17.50
CA PRO B 149 4.73 -41.77 -18.01
C PRO B 149 4.48 -41.74 -19.51
N LYS B 150 5.39 -42.34 -20.28
CA LYS B 150 5.40 -42.18 -21.73
C LYS B 150 4.15 -42.72 -22.41
N GLU B 151 3.57 -43.76 -21.83
CA GLU B 151 2.42 -44.42 -22.43
C GLU B 151 1.14 -43.61 -22.26
N TRP B 152 1.19 -42.57 -21.41
CA TRP B 152 -0.02 -41.75 -21.13
C TRP B 152 -0.03 -40.39 -21.79
N ILE B 153 1.05 -40.10 -22.52
CA ILE B 153 1.21 -38.85 -23.24
C ILE B 153 0.33 -38.92 -24.48
N ARG B 154 -0.37 -37.82 -24.80
CA ARG B 154 -1.34 -37.74 -25.89
C ARG B 154 -1.39 -36.29 -26.34
N PRO B 155 -1.68 -36.02 -27.62
CA PRO B 155 -1.80 -34.62 -28.08
C PRO B 155 -2.91 -33.84 -27.38
N SER B 156 -2.91 -32.50 -27.53
CA SER B 156 -3.91 -31.67 -26.85
C SER B 156 -5.37 -31.98 -27.28
N ASP B 157 -6.28 -31.86 -26.32
CA ASP B 157 -7.72 -32.08 -26.52
C ASP B 157 -8.53 -31.09 -25.67
N VAL B 158 -9.07 -30.05 -26.32
CA VAL B 158 -9.85 -28.98 -25.65
C VAL B 158 -11.10 -29.47 -24.89
N GLU B 159 -11.81 -30.45 -25.49
CA GLU B 159 -13.03 -31.01 -24.91
C GLU B 159 -12.70 -31.79 -23.64
N LEU B 160 -11.63 -32.58 -23.71
CA LEU B 160 -11.15 -33.26 -22.53
C LEU B 160 -10.71 -32.20 -21.50
N PHE B 161 -10.00 -31.15 -21.93
CA PHE B 161 -9.60 -30.11 -20.97
C PHE B 161 -10.80 -29.46 -20.27
N LYS B 162 -11.84 -29.17 -21.05
CA LYS B 162 -13.07 -28.60 -20.48
C LYS B 162 -13.75 -29.51 -19.45
N LYS B 163 -13.79 -30.82 -19.72
CA LYS B 163 -14.35 -31.76 -18.76
C LYS B 163 -13.58 -31.69 -17.45
N TRP B 164 -12.26 -31.59 -17.59
CA TRP B 164 -11.34 -31.60 -16.46
C TRP B 164 -11.49 -30.36 -15.59
N GLN B 165 -11.68 -29.21 -16.23
CA GLN B 165 -11.88 -27.96 -15.53
C GLN B 165 -13.21 -27.98 -14.71
N GLN B 166 -14.25 -28.60 -15.27
CA GLN B 166 -15.51 -28.82 -14.55
C GLN B 166 -15.29 -29.70 -13.34
N GLU B 167 -14.59 -30.81 -13.54
CA GLU B 167 -14.30 -31.72 -12.43
C GLU B 167 -13.50 -31.06 -11.33
N ALA B 168 -12.61 -30.12 -11.70
CA ALA B 168 -11.75 -29.43 -10.71
C ALA B 168 -12.43 -28.16 -10.17
N GLY B 169 -13.67 -27.93 -10.57
CA GLY B 169 -14.42 -26.77 -10.12
C GLY B 169 -13.78 -25.46 -10.50
N GLY B 170 -13.10 -25.42 -11.65
CA GLY B 170 -12.41 -24.17 -12.05
C GLY B 170 -11.05 -23.96 -11.39
N LEU B 171 -10.63 -24.89 -10.54
CA LEU B 171 -9.36 -24.80 -9.81
C LEU B 171 -8.04 -24.77 -10.64
N ILE B 172 -8.09 -25.12 -11.92
CA ILE B 172 -6.88 -25.21 -12.76
C ILE B 172 -6.51 -23.79 -13.22
N LYS B 173 -5.29 -23.38 -12.84
CA LYS B 173 -4.78 -22.02 -13.10
C LYS B 173 -3.65 -21.98 -14.13
N ILE B 174 -2.96 -23.11 -14.29
CA ILE B 174 -1.89 -23.25 -15.27
C ILE B 174 -1.99 -24.65 -15.88
N VAL B 175 -1.64 -24.71 -17.16
CA VAL B 175 -1.48 -25.95 -17.86
C VAL B 175 -0.07 -25.98 -18.47
N THR B 176 0.67 -27.05 -18.20
CA THR B 176 1.90 -27.36 -18.98
C THR B 176 1.55 -28.27 -20.18
N LEU B 177 1.89 -27.78 -21.36
CA LEU B 177 1.62 -28.47 -22.61
C LEU B 177 2.80 -28.16 -23.56
N ALA B 178 3.03 -29.04 -24.54
CA ALA B 178 3.99 -28.82 -25.63
C ALA B 178 3.27 -28.12 -26.80
N PRO B 179 3.75 -26.92 -27.25
CA PRO B 179 2.96 -26.23 -28.24
C PRO B 179 2.86 -26.97 -29.60
N GLU B 180 3.86 -27.79 -29.92
CA GLU B 180 3.90 -28.55 -31.18
C GLU B 180 2.93 -29.74 -31.14
N GLU B 181 2.51 -30.13 -29.95
CA GLU B 181 1.49 -31.16 -29.79
C GLU B 181 0.08 -30.55 -29.66
N ASP B 182 -0.05 -29.26 -29.95
CA ASP B 182 -1.30 -28.52 -29.83
C ASP B 182 -1.69 -27.97 -31.19
N GLN B 183 -2.41 -28.78 -31.95
CA GLN B 183 -2.76 -28.44 -33.34
C GLN B 183 -3.55 -27.13 -33.41
N HIS B 184 -3.16 -26.23 -34.31
CA HIS B 184 -3.72 -24.89 -34.45
C HIS B 184 -3.70 -24.05 -33.12
N PHE B 185 -2.91 -24.49 -32.13
CA PHE B 185 -2.84 -23.79 -30.82
C PHE B 185 -4.20 -23.65 -30.15
N GLU B 186 -5.10 -24.58 -30.47
CA GLU B 186 -6.49 -24.50 -30.01
C GLU B 186 -6.57 -24.51 -28.49
N LEU B 187 -5.78 -25.36 -27.84
CA LEU B 187 -5.80 -25.37 -26.38
C LEU B 187 -5.12 -24.10 -25.83
N ILE B 188 -4.05 -23.66 -26.47
CA ILE B 188 -3.39 -22.41 -26.06
C ILE B 188 -4.37 -21.22 -26.12
N ARG B 189 -5.08 -21.08 -27.23
CA ARG B 189 -6.13 -20.06 -27.37
C ARG B 189 -7.29 -20.21 -26.37
N HIS B 190 -7.72 -21.43 -26.08
CA HIS B 190 -8.77 -21.60 -25.08
C HIS B 190 -8.30 -21.15 -23.70
N LEU B 191 -7.05 -21.51 -23.33
CA LEU B 191 -6.53 -21.17 -21.99
C LEU B 191 -6.38 -19.66 -21.87
N LYS B 192 -5.91 -19.04 -22.95
CA LYS B 192 -5.78 -17.61 -22.97
C LYS B 192 -7.15 -16.96 -22.68
N ASP B 193 -8.18 -17.41 -23.40
CA ASP B 193 -9.54 -16.91 -23.20
C ASP B 193 -10.06 -17.03 -21.81
N GLU B 194 -9.72 -18.14 -21.17
CA GLU B 194 -10.16 -18.44 -19.84
C GLU B 194 -9.30 -17.83 -18.75
N SER B 195 -8.28 -17.06 -19.15
CA SER B 195 -7.22 -16.60 -18.23
C SER B 195 -6.55 -17.73 -17.45
N ILE B 196 -6.29 -18.83 -18.15
CA ILE B 196 -5.52 -19.93 -17.60
C ILE B 196 -4.18 -19.78 -18.28
N ILE B 197 -3.14 -19.76 -17.47
CA ILE B 197 -1.77 -19.64 -18.01
C ILE B 197 -1.40 -20.85 -18.86
N ALA B 198 -0.94 -20.60 -20.08
CA ALA B 198 -0.37 -21.66 -20.87
C ALA B 198 1.14 -21.66 -20.67
N SER B 199 1.66 -22.68 -20.01
CA SER B 199 3.11 -22.84 -19.76
C SER B 199 3.71 -23.85 -20.73
N MET B 200 4.73 -23.46 -21.49
CA MET B 200 5.37 -24.38 -22.42
C MET B 200 6.40 -25.25 -21.70
N GLY B 201 6.27 -26.56 -21.88
CA GLY B 201 7.13 -27.50 -21.15
C GLY B 201 6.98 -28.89 -21.70
N HIS B 202 7.96 -29.76 -21.40
CA HIS B 202 8.06 -31.10 -21.97
C HIS B 202 7.87 -31.05 -23.48
N THR B 203 8.60 -30.11 -24.09
CA THR B 203 8.40 -29.76 -25.49
C THR B 203 9.72 -29.75 -26.25
N ASP B 204 9.63 -30.18 -27.51
CA ASP B 204 10.79 -30.25 -28.37
C ASP B 204 10.68 -29.25 -29.51
N ALA B 205 9.94 -28.17 -29.28
CA ALA B 205 9.69 -27.18 -30.30
C ALA B 205 10.94 -26.37 -30.65
N ASP B 206 10.95 -25.82 -31.87
CA ASP B 206 11.94 -24.86 -32.26
C ASP B 206 11.53 -23.48 -31.86
N SER B 207 12.49 -22.58 -31.95
CA SER B 207 12.33 -21.20 -31.56
C SER B 207 11.19 -20.45 -32.30
N ALA B 208 11.08 -20.65 -33.62
CA ALA B 208 10.07 -19.99 -34.44
C ALA B 208 8.64 -20.33 -34.01
N LEU B 209 8.40 -21.59 -33.69
CA LEU B 209 7.11 -22.07 -33.25
C LEU B 209 6.77 -21.50 -31.86
N LEU B 210 7.75 -21.52 -30.94
CA LEU B 210 7.54 -20.90 -29.61
C LEU B 210 7.18 -19.43 -29.71
N SER B 211 7.81 -18.72 -30.63
CA SER B 211 7.45 -17.32 -30.79
C SER B 211 6.00 -17.12 -31.30
N ASP B 212 5.51 -18.06 -32.11
CA ASP B 212 4.10 -18.08 -32.53
C ASP B 212 3.16 -18.52 -31.43
N ALA B 213 3.58 -19.44 -30.58
CA ALA B 213 2.77 -19.82 -29.40
C ALA B 213 2.57 -18.66 -28.42
N ALA B 214 3.53 -17.74 -28.36
CA ALA B 214 3.45 -16.59 -27.47
C ALA B 214 2.39 -15.65 -28.06
N LYS B 215 2.49 -15.39 -29.36
CA LYS B 215 1.43 -14.68 -30.08
C LYS B 215 0.00 -15.23 -29.83
N ALA B 216 -0.17 -16.54 -29.76
CA ALA B 216 -1.46 -17.17 -29.35
C ALA B 216 -1.78 -17.12 -27.84
N GLY B 217 -0.84 -16.64 -27.00
CA GLY B 217 -1.09 -16.48 -25.56
C GLY B 217 -0.29 -17.30 -24.57
N ALA B 218 0.65 -18.13 -25.06
CA ALA B 218 1.62 -18.77 -24.14
C ALA B 218 2.42 -17.68 -23.41
N SER B 219 2.64 -17.88 -22.13
CA SER B 219 3.32 -16.87 -21.36
C SER B 219 4.35 -17.42 -20.37
N HIS B 220 4.34 -18.73 -20.14
CA HIS B 220 5.19 -19.34 -19.16
C HIS B 220 6.00 -20.42 -19.80
N MET B 221 7.16 -20.67 -19.20
CA MET B 221 8.00 -21.81 -19.52
C MET B 221 8.04 -22.68 -18.26
N THR B 222 7.75 -23.97 -18.39
CA THR B 222 7.83 -24.92 -17.29
C THR B 222 9.26 -25.38 -17.00
N HIS B 223 9.62 -25.43 -15.71
CA HIS B 223 11.00 -25.69 -15.23
C HIS B 223 12.11 -25.48 -16.31
N LEU B 224 12.44 -24.24 -16.56
CA LEU B 224 13.56 -23.90 -17.46
C LEU B 224 14.69 -24.88 -17.39
N TYR B 225 15.10 -25.39 -18.57
CA TYR B 225 16.23 -26.33 -18.76
C TYR B 225 15.85 -27.78 -18.77
N ASN B 226 14.75 -28.10 -18.08
CA ASN B 226 14.38 -29.47 -17.86
C ASN B 226 13.32 -29.88 -18.87
N ALA B 227 13.61 -30.99 -19.55
CA ALA B 227 12.74 -31.59 -20.56
C ALA B 227 12.39 -30.56 -21.60
N MET B 228 13.42 -29.92 -22.16
CA MET B 228 13.30 -28.87 -23.19
C MET B 228 14.28 -29.18 -24.28
N SER B 229 13.95 -28.81 -25.53
CA SER B 229 14.94 -28.94 -26.59
C SER B 229 16.14 -28.01 -26.27
N PRO B 230 17.39 -28.50 -26.44
CA PRO B 230 18.58 -27.75 -25.99
C PRO B 230 18.90 -26.44 -26.73
N PHE B 231 19.81 -25.66 -26.14
CA PHE B 231 20.26 -24.45 -26.77
C PHE B 231 21.34 -24.77 -27.80
N HIS B 232 21.11 -24.44 -29.07
CA HIS B 232 22.20 -24.39 -30.03
C HIS B 232 22.24 -22.92 -30.47
N HIS B 233 23.44 -22.41 -30.72
CA HIS B 233 23.59 -21.00 -31.02
C HIS B 233 22.91 -20.57 -32.31
N ARG B 234 22.71 -21.48 -33.24
CA ARG B 234 22.03 -21.15 -34.50
C ARG B 234 20.60 -21.69 -34.56
N GLU B 235 20.25 -22.55 -33.59
CA GLU B 235 18.88 -23.08 -33.35
C GLU B 235 18.58 -23.08 -31.84
N PRO B 236 18.17 -21.94 -31.29
CA PRO B 236 18.07 -21.67 -29.85
C PRO B 236 17.09 -22.59 -29.06
N GLY B 237 16.15 -23.21 -29.77
CA GLY B 237 15.21 -24.19 -29.20
C GLY B 237 14.40 -23.62 -28.07
N VAL B 238 13.88 -24.48 -27.19
CA VAL B 238 13.03 -23.99 -26.11
C VAL B 238 13.90 -23.24 -25.08
N ILE B 239 15.09 -23.76 -24.80
CA ILE B 239 15.98 -23.14 -23.82
C ILE B 239 16.39 -21.75 -24.22
N GLY B 240 16.83 -21.57 -25.46
CA GLY B 240 17.23 -20.19 -25.88
C GLY B 240 16.07 -19.18 -26.00
N THR B 241 14.92 -19.64 -26.50
CA THR B 241 13.69 -18.82 -26.47
C THR B 241 13.23 -18.45 -25.07
N ALA B 242 13.26 -19.39 -24.13
CA ALA B 242 12.86 -19.11 -22.74
C ALA B 242 13.73 -18.02 -22.16
N LEU B 243 15.03 -18.07 -22.46
CA LEU B 243 15.97 -17.06 -21.97
C LEU B 243 15.88 -15.69 -22.62
N ALA B 244 15.72 -15.65 -23.93
CA ALA B 244 15.85 -14.38 -24.68
C ALA B 244 14.52 -13.76 -25.06
N HIS B 245 13.45 -14.51 -24.96
CA HIS B 245 12.14 -13.96 -25.33
C HIS B 245 11.44 -13.41 -24.10
N ASP B 246 11.23 -12.10 -24.10
CA ASP B 246 10.77 -11.34 -22.98
C ASP B 246 9.27 -11.55 -22.68
N GLY B 247 8.55 -12.22 -23.60
CA GLY B 247 7.13 -12.53 -23.43
C GLY B 247 6.91 -13.78 -22.57
N PHE B 248 7.98 -14.42 -22.12
CA PHE B 248 7.86 -15.62 -21.30
C PHE B 248 8.40 -15.38 -19.89
N VAL B 249 7.60 -15.76 -18.90
CA VAL B 249 8.07 -15.93 -17.51
C VAL B 249 8.58 -17.37 -17.34
N THR B 250 9.80 -17.55 -16.80
CA THR B 250 10.37 -18.88 -16.63
C THR B 250 10.35 -19.40 -15.18
N GLU B 251 9.83 -20.63 -14.97
CA GLU B 251 9.93 -21.33 -13.68
C GLU B 251 11.35 -21.85 -13.59
N LEU B 252 11.88 -22.04 -12.37
CA LEU B 252 13.18 -22.59 -12.18
C LEU B 252 13.24 -23.37 -10.88
N ILE B 253 13.80 -24.57 -10.95
CA ILE B 253 14.11 -25.41 -9.75
C ILE B 253 15.54 -25.06 -9.34
N ALA B 254 15.69 -24.25 -8.30
CA ALA B 254 17.00 -23.81 -7.84
C ALA B 254 17.55 -24.77 -6.76
N ASP B 255 17.84 -26.01 -7.14
CA ASP B 255 18.37 -27.01 -6.19
C ASP B 255 19.80 -27.31 -6.38
N GLY B 256 20.43 -26.68 -7.40
CA GLY B 256 21.80 -26.98 -7.87
C GLY B 256 22.01 -28.39 -8.41
N ILE B 257 20.93 -29.10 -8.68
CA ILE B 257 20.96 -30.46 -9.22
C ILE B 257 20.28 -30.52 -10.59
N HIS B 258 19.07 -30.00 -10.69
CA HIS B 258 18.37 -29.94 -11.96
C HIS B 258 19.15 -29.08 -12.98
N SER B 259 19.91 -28.12 -12.48
CA SER B 259 20.80 -27.35 -13.31
C SER B 259 21.98 -26.87 -12.48
N HIS B 260 23.08 -26.62 -13.16
CA HIS B 260 24.26 -25.99 -12.58
C HIS B 260 24.05 -24.55 -12.01
N PRO B 261 24.81 -24.18 -10.95
CA PRO B 261 24.77 -22.79 -10.45
C PRO B 261 24.87 -21.67 -11.51
N LEU B 262 25.68 -21.88 -12.53
CA LEU B 262 25.87 -20.87 -13.59
C LEU B 262 24.67 -20.80 -14.52
N ALA B 263 24.02 -21.93 -14.70
CA ALA B 263 22.82 -21.99 -15.52
C ALA B 263 21.67 -21.30 -14.77
N ALA B 264 21.55 -21.55 -13.48
CA ALA B 264 20.68 -20.76 -12.60
C ALA B 264 21.04 -19.26 -12.63
N LYS B 265 22.32 -18.92 -12.49
CA LYS B 265 22.68 -17.50 -12.59
C LYS B 265 22.25 -16.90 -13.97
N LEU B 266 22.51 -17.65 -15.03
CA LEU B 266 22.24 -17.21 -16.41
C LEU B 266 20.78 -16.84 -16.56
N ALA B 267 19.91 -17.65 -15.95
CA ALA B 267 18.46 -17.46 -15.97
C ALA B 267 18.09 -16.14 -15.33
N PHE B 268 18.65 -15.88 -14.14
CA PHE B 268 18.46 -14.61 -13.44
C PHE B 268 19.00 -13.41 -14.28
N LEU B 269 20.18 -13.56 -14.90
CA LEU B 269 20.76 -12.47 -15.73
C LEU B 269 19.88 -12.14 -16.95
N ALA B 270 19.40 -13.18 -17.61
CA ALA B 270 18.65 -13.06 -18.86
C ALA B 270 17.24 -12.59 -18.63
N LYS B 271 16.56 -13.15 -17.61
CA LYS B 271 15.16 -12.83 -17.32
C LYS B 271 14.97 -11.58 -16.44
N GLY B 272 15.90 -11.38 -15.50
CA GLY B 272 15.76 -10.38 -14.45
C GLY B 272 14.81 -10.86 -13.35
N SER B 273 14.78 -10.14 -12.24
CA SER B 273 14.00 -10.55 -11.06
C SER B 273 12.47 -10.46 -11.16
N SER B 274 11.97 -9.85 -12.23
CA SER B 274 10.52 -9.78 -12.50
C SER B 274 9.93 -10.89 -13.39
N LYS B 275 10.78 -11.70 -14.02
CA LYS B 275 10.35 -12.69 -15.01
C LYS B 275 10.83 -14.12 -14.74
N LEU B 276 11.19 -14.39 -13.49
CA LEU B 276 11.67 -15.68 -13.08
C LEU B 276 10.88 -16.09 -11.82
N ILE B 277 10.44 -17.34 -11.77
CA ILE B 277 9.65 -17.86 -10.65
C ILE B 277 10.32 -19.13 -10.14
N LEU B 278 10.80 -19.11 -8.89
CA LEU B 278 11.27 -20.35 -8.31
C LEU B 278 10.10 -21.26 -7.99
N ILE B 279 10.29 -22.54 -8.31
CA ILE B 279 9.36 -23.60 -7.97
C ILE B 279 10.19 -24.71 -7.28
N THR B 280 9.52 -25.63 -6.61
CA THR B 280 10.22 -26.85 -6.19
C THR B 280 10.10 -28.05 -7.12
N ASP B 281 8.96 -28.18 -7.80
CA ASP B 281 8.64 -29.40 -8.53
C ASP B 281 8.85 -30.67 -7.67
N SER B 282 8.61 -30.59 -6.36
CA SER B 282 8.92 -31.69 -5.47
C SER B 282 7.90 -32.81 -5.65
N MET B 283 8.35 -34.04 -5.35
CA MET B 283 7.49 -35.23 -5.31
C MET B 283 7.45 -35.77 -3.87
N ARG B 284 6.64 -36.82 -3.65
CA ARG B 284 6.31 -37.31 -2.29
C ARG B 284 7.47 -37.58 -1.34
N ALA B 285 8.68 -37.80 -1.87
CA ALA B 285 9.82 -38.15 -1.00
C ALA B 285 10.46 -37.01 -0.20
N LYS B 286 10.09 -35.77 -0.51
CA LYS B 286 10.67 -34.61 0.16
C LYS B 286 10.30 -34.55 1.65
N GLY B 287 11.31 -34.42 2.51
CA GLY B 287 11.09 -34.39 3.97
C GLY B 287 11.05 -35.77 4.61
N LEU B 288 11.42 -36.79 3.81
CA LEU B 288 11.48 -38.20 4.25
C LEU B 288 12.91 -38.70 4.08
N LYS B 289 13.10 -40.02 4.10
CA LYS B 289 14.44 -40.63 4.03
C LYS B 289 14.73 -41.22 2.66
N ASP B 290 15.98 -41.63 2.44
CA ASP B 290 16.36 -42.47 1.30
C ASP B 290 15.46 -43.67 1.24
N GLY B 291 15.02 -43.98 0.03
CA GLY B 291 14.10 -45.07 -0.21
C GLY B 291 13.64 -45.00 -1.64
N VAL B 292 12.63 -45.80 -1.97
CA VAL B 292 12.05 -45.82 -3.30
C VAL B 292 10.57 -45.41 -3.18
N TYR B 293 10.11 -44.58 -4.12
CA TYR B 293 8.84 -43.89 -3.95
C TYR B 293 8.07 -43.79 -5.25
N GLU B 294 6.75 -43.72 -5.15
CA GLU B 294 5.87 -43.68 -6.30
C GLU B 294 5.72 -42.27 -6.81
N PHE B 295 5.68 -42.15 -8.13
CA PHE B 295 5.50 -40.88 -8.79
C PHE B 295 5.06 -41.17 -10.22
N GLY B 296 3.83 -40.77 -10.56
CA GLY B 296 3.28 -41.02 -11.91
C GLY B 296 3.13 -42.47 -12.35
N GLY B 297 3.12 -43.39 -11.38
CA GLY B 297 3.09 -44.83 -11.66
C GLY B 297 4.47 -45.49 -11.66
N GLN B 298 5.53 -44.70 -11.54
CA GLN B 298 6.91 -45.25 -11.66
C GLN B 298 7.56 -45.22 -10.30
N SER B 299 8.64 -45.99 -10.11
CA SER B 299 9.31 -46.03 -8.84
C SER B 299 10.52 -45.12 -8.91
N VAL B 300 10.65 -44.21 -7.94
CA VAL B 300 11.73 -43.23 -7.93
C VAL B 300 12.65 -43.55 -6.81
N THR B 301 13.92 -43.82 -7.11
CA THR B 301 14.91 -44.09 -6.07
C THR B 301 15.53 -42.77 -5.60
N VAL B 302 15.40 -42.50 -4.32
CA VAL B 302 15.84 -41.24 -3.76
C VAL B 302 17.06 -41.46 -2.87
N ARG B 303 18.19 -40.88 -3.24
CA ARG B 303 19.40 -40.89 -2.43
C ARG B 303 19.97 -39.48 -2.23
N GLY B 304 20.03 -39.05 -0.97
CA GLY B 304 20.36 -37.65 -0.66
C GLY B 304 19.24 -36.75 -1.18
N ARG B 305 19.59 -35.87 -2.13
CA ARG B 305 18.64 -34.93 -2.72
C ARG B 305 18.32 -35.23 -4.17
N THR B 306 18.91 -36.30 -4.72
CA THR B 306 18.58 -36.72 -6.09
C THR B 306 17.54 -37.85 -6.15
N ALA B 307 16.47 -37.58 -6.90
CA ALA B 307 15.35 -38.47 -7.10
C ALA B 307 15.39 -38.93 -8.55
N LEU B 308 15.69 -40.22 -8.74
CA LEU B 308 15.91 -40.78 -10.09
C LEU B 308 15.09 -42.03 -10.40
N LEU B 309 14.61 -42.12 -11.64
CA LEU B 309 14.13 -43.39 -12.20
C LEU B 309 15.24 -44.46 -12.24
N SER B 310 14.87 -45.70 -12.54
CA SER B 310 15.83 -46.84 -12.54
C SER B 310 16.90 -46.62 -13.61
N ASP B 311 16.49 -45.97 -14.68
CA ASP B 311 17.39 -45.60 -15.76
C ASP B 311 18.18 -44.30 -15.50
N GLY B 312 18.12 -43.74 -14.30
CA GLY B 312 18.85 -42.49 -13.97
C GLY B 312 18.24 -41.15 -14.43
N THR B 313 17.02 -41.19 -15.01
CA THR B 313 16.31 -39.94 -15.35
C THR B 313 15.92 -39.23 -14.05
N LEU B 314 16.07 -37.89 -14.01
CA LEU B 314 15.62 -37.10 -12.88
C LEU B 314 14.11 -37.09 -12.83
N ALA B 315 13.56 -37.14 -11.62
CA ALA B 315 12.13 -37.40 -11.48
C ALA B 315 11.56 -36.59 -10.35
N GLY B 316 11.37 -35.30 -10.60
CA GLY B 316 10.92 -34.37 -9.59
C GLY B 316 12.07 -34.03 -8.70
N SER B 317 11.80 -33.26 -7.68
CA SER B 317 12.87 -32.84 -6.78
C SER B 317 12.58 -33.21 -5.31
N ILE B 318 13.61 -33.08 -4.48
CA ILE B 318 13.51 -33.16 -3.03
C ILE B 318 13.61 -31.74 -2.46
N LEU B 319 13.32 -30.72 -3.27
CA LEU B 319 13.57 -29.33 -2.86
C LEU B 319 12.51 -28.66 -1.98
N LYS B 320 12.96 -28.14 -0.85
CA LYS B 320 12.17 -27.24 -0.03
C LYS B 320 12.27 -25.80 -0.55
N MET B 321 11.14 -25.13 -0.61
CA MET B 321 11.04 -23.81 -1.20
C MET B 321 12.07 -22.81 -0.64
N ASN B 322 12.20 -22.76 0.68
CA ASN B 322 13.14 -21.86 1.32
C ASN B 322 14.58 -22.12 0.93
N GLU B 323 14.95 -23.39 0.68
CA GLU B 323 16.34 -23.72 0.26
C GLU B 323 16.60 -23.28 -1.18
N GLY B 324 15.55 -23.31 -2.00
CA GLY B 324 15.60 -22.66 -3.30
C GLY B 324 16.00 -21.18 -3.27
N ALA B 325 15.42 -20.41 -2.36
CA ALA B 325 15.83 -19.03 -2.14
C ALA B 325 17.27 -18.88 -1.67
N ARG B 326 17.69 -19.75 -0.73
CA ARG B 326 19.07 -19.79 -0.25
C ARG B 326 20.03 -20.07 -1.40
N HIS B 327 19.73 -21.09 -2.22
CA HIS B 327 20.61 -21.37 -3.38
C HIS B 327 20.70 -20.23 -4.39
N MET B 328 19.57 -19.62 -4.71
CA MET B 328 19.58 -18.48 -5.64
C MET B 328 20.41 -17.29 -5.17
N ARG B 329 20.31 -16.99 -3.88
CA ARG B 329 21.24 -16.03 -3.22
C ARG B 329 22.71 -16.39 -3.39
N GLU B 330 23.06 -17.67 -3.13
CA GLU B 330 24.42 -18.15 -3.37
C GLU B 330 24.78 -18.04 -4.85
N PHE B 331 23.84 -18.36 -5.75
CA PHE B 331 24.18 -18.42 -7.17
C PHE B 331 24.34 -17.04 -7.79
N THR B 332 23.62 -16.04 -7.28
CA THR B 332 23.46 -14.77 -7.96
C THR B 332 23.76 -13.56 -7.10
N ASN B 333 23.90 -13.73 -5.78
CA ASN B 333 23.99 -12.58 -4.86
C ASN B 333 22.89 -11.53 -4.95
N CYS B 334 21.67 -11.96 -5.31
CA CYS B 334 20.54 -11.07 -5.43
C CYS B 334 20.08 -10.52 -4.10
N SER B 335 19.36 -9.42 -4.15
CA SER B 335 18.82 -8.77 -2.98
C SER B 335 17.68 -9.60 -2.34
N TRP B 336 17.28 -9.18 -1.16
CA TRP B 336 16.14 -9.73 -0.45
C TRP B 336 14.84 -9.43 -1.21
N THR B 337 14.75 -8.22 -1.74
CA THR B 337 13.70 -7.76 -2.63
C THR B 337 13.56 -8.68 -3.90
N ASP B 338 14.69 -9.08 -4.49
CA ASP B 338 14.68 -9.98 -5.63
C ASP B 338 14.16 -11.34 -5.16
N ILE B 339 14.65 -11.76 -3.97
CA ILE B 339 14.13 -13.01 -3.39
C ILE B 339 12.61 -12.97 -3.23
N ALA B 340 12.07 -11.88 -2.74
CA ALA B 340 10.62 -11.76 -2.58
C ALA B 340 9.89 -11.86 -3.92
N ASN B 341 10.48 -11.26 -4.96
CA ASN B 341 10.00 -11.43 -6.37
C ASN B 341 9.93 -12.87 -6.85
N ILE B 342 11.06 -13.57 -6.86
CA ILE B 342 11.17 -14.88 -7.45
C ILE B 342 10.56 -16.00 -6.59
N THR B 343 10.20 -15.72 -5.33
CA THR B 343 9.54 -16.73 -4.46
C THR B 343 8.06 -16.41 -4.12
N SER B 344 7.56 -15.23 -4.49
CA SER B 344 6.22 -14.79 -4.05
C SER B 344 5.49 -13.81 -5.01
N GLU B 345 6.07 -12.64 -5.24
CA GLU B 345 5.45 -11.57 -5.96
C GLU B 345 5.17 -11.86 -7.42
N ASN B 346 6.16 -12.39 -8.13
CA ASN B 346 5.93 -12.74 -9.54
C ASN B 346 4.86 -13.83 -9.65
N ALA B 347 4.93 -14.88 -8.83
CA ALA B 347 3.86 -15.93 -8.84
C ALA B 347 2.47 -15.28 -8.69
N ALA B 348 2.33 -14.47 -7.64
CA ALA B 348 1.08 -13.77 -7.31
C ALA B 348 0.58 -12.88 -8.45
N LYS B 349 1.46 -12.06 -9.02
CA LYS B 349 1.05 -11.22 -10.16
C LYS B 349 0.62 -12.05 -11.39
N GLN B 350 1.36 -13.12 -11.67
CA GLN B 350 1.04 -13.98 -12.82
C GLN B 350 -0.30 -14.70 -12.69
N LEU B 351 -0.62 -15.09 -11.45
CA LEU B 351 -1.86 -15.76 -11.13
C LEU B 351 -3.04 -14.82 -10.94
N GLY B 352 -2.82 -13.50 -11.09
CA GLY B 352 -3.85 -12.48 -10.92
C GLY B 352 -4.30 -12.33 -9.48
N ILE B 353 -3.44 -12.65 -8.52
CA ILE B 353 -3.82 -12.61 -7.11
C ILE B 353 -2.98 -11.63 -6.26
N PHE B 354 -2.25 -10.72 -6.92
CA PHE B 354 -1.44 -9.70 -6.23
C PHE B 354 -2.24 -8.78 -5.30
N ASP B 355 -3.57 -8.81 -5.40
CA ASP B 355 -4.41 -8.08 -4.47
C ASP B 355 -4.51 -8.77 -3.12
N ARG B 356 -4.21 -10.08 -3.09
CA ARG B 356 -4.34 -10.86 -1.87
C ARG B 356 -3.01 -11.36 -1.36
N LYS B 357 -2.06 -11.65 -2.25
CA LYS B 357 -0.83 -12.38 -1.86
C LYS B 357 0.37 -11.70 -2.52
N GLY B 358 1.58 -12.03 -2.07
CA GLY B 358 2.78 -11.66 -2.81
C GLY B 358 3.63 -10.50 -2.34
N SER B 359 3.11 -9.71 -1.41
CA SER B 359 3.91 -8.64 -0.77
C SER B 359 3.48 -8.38 0.66
N VAL B 360 4.39 -7.85 1.46
CA VAL B 360 4.03 -7.40 2.83
C VAL B 360 3.42 -5.99 2.75
N THR B 361 2.11 -5.92 2.50
CA THR B 361 1.44 -4.68 2.15
C THR B 361 0.11 -4.63 2.87
N VAL B 362 -0.25 -3.49 3.43
CA VAL B 362 -1.51 -3.37 4.19
C VAL B 362 -2.70 -3.77 3.28
N GLY B 363 -3.64 -4.52 3.83
CA GLY B 363 -4.83 -4.94 3.11
C GLY B 363 -4.79 -6.34 2.50
N LYS B 364 -3.59 -6.90 2.37
CA LYS B 364 -3.39 -8.26 1.82
C LYS B 364 -3.43 -9.33 2.89
N ASP B 365 -3.50 -10.58 2.47
CA ASP B 365 -3.50 -11.72 3.40
C ASP B 365 -2.21 -11.73 4.21
N ALA B 366 -2.32 -12.03 5.51
CA ALA B 366 -1.11 -12.17 6.30
C ALA B 366 -0.49 -13.54 6.00
N ASP B 367 0.19 -13.64 4.86
CA ASP B 367 0.93 -14.84 4.45
C ASP B 367 2.34 -14.40 4.51
N LEU B 368 3.09 -14.88 5.49
CA LEU B 368 4.35 -14.28 5.83
C LEU B 368 5.29 -15.34 6.33
N VAL B 369 6.57 -15.14 6.07
CA VAL B 369 7.56 -16.04 6.61
C VAL B 369 8.70 -15.26 7.30
N ILE B 370 9.07 -15.67 8.51
CA ILE B 370 10.27 -15.11 9.14
C ILE B 370 11.44 -16.05 8.87
N VAL B 371 12.53 -15.52 8.32
CA VAL B 371 13.69 -16.34 8.00
C VAL B 371 14.96 -15.72 8.57
N SER B 372 16.01 -16.52 8.68
CA SER B 372 17.31 -16.03 9.13
C SER B 372 18.02 -15.44 7.91
N SER B 373 19.11 -14.71 8.14
CA SER B 373 19.91 -14.14 7.05
C SER B 373 20.24 -15.26 6.05
N ASP B 374 19.98 -16.51 6.46
CA ASP B 374 20.34 -17.69 5.69
C ASP B 374 19.18 -18.41 5.06
N CYS B 375 17.99 -17.82 5.12
CA CYS B 375 16.75 -18.39 4.57
C CYS B 375 16.25 -19.64 5.30
N GLU B 376 16.78 -19.89 6.50
CA GLU B 376 16.21 -20.95 7.35
C GLU B 376 14.88 -20.44 7.84
N VAL B 377 13.86 -21.28 7.87
CA VAL B 377 12.55 -20.82 8.29
C VAL B 377 12.49 -20.78 9.84
N ILE B 378 12.16 -19.59 10.35
CA ILE B 378 11.98 -19.35 11.79
C ILE B 378 10.51 -19.55 12.19
N LEU B 379 9.61 -18.88 11.48
CA LEU B 379 8.18 -18.98 11.78
C LEU B 379 7.41 -18.63 10.54
N THR B 380 6.29 -19.30 10.32
CA THR B 380 5.50 -19.12 9.13
C THR B 380 4.08 -18.91 9.58
N ILE B 381 3.42 -17.93 8.94
CA ILE B 381 2.08 -17.47 9.20
C ILE B 381 1.33 -17.54 7.89
N CYS B 382 0.11 -18.12 7.93
CA CYS B 382 -0.73 -18.35 6.77
C CYS B 382 -2.10 -17.82 7.06
N ARG B 383 -2.52 -16.77 6.36
CA ARG B 383 -3.81 -16.14 6.62
C ARG B 383 -3.95 -15.76 8.11
N GLY B 384 -2.85 -15.24 8.68
CA GLY B 384 -2.90 -14.71 10.04
C GLY B 384 -2.64 -15.68 11.18
N ASN B 385 -2.66 -16.99 10.88
CA ASN B 385 -2.38 -18.03 11.88
C ASN B 385 -0.94 -18.54 11.77
N ILE B 386 -0.32 -18.72 12.93
CA ILE B 386 1.02 -19.28 13.02
C ILE B 386 0.89 -20.72 12.58
N ALA B 387 1.51 -21.07 11.44
CA ALA B 387 1.40 -22.42 10.87
C ALA B 387 2.65 -23.24 11.11
N PHE B 388 3.73 -22.57 11.48
CA PHE B 388 4.94 -23.27 11.79
C PHE B 388 5.77 -22.43 12.76
N ILE B 389 6.37 -23.08 13.77
CA ILE B 389 7.39 -22.46 14.60
C ILE B 389 8.57 -23.41 14.76
N SER B 390 9.77 -22.96 14.42
CA SER B 390 10.95 -23.77 14.56
C SER B 390 11.30 -23.99 16.04
N LYS B 391 12.17 -24.97 16.32
CA LYS B 391 12.83 -25.15 17.62
C LYS B 391 12.85 -23.85 18.46
N GLU B 392 13.33 -22.76 17.84
CA GLU B 392 13.24 -21.41 18.43
C GLU B 392 11.77 -20.93 18.61
N ALA B 393 11.08 -21.57 19.57
CA ALA B 393 9.68 -21.33 19.98
C ALA B 393 9.62 -20.57 21.31
N ASP B 394 8.45 -19.96 21.56
CA ASP B 394 8.35 -18.71 22.36
C ASP B 394 9.64 -18.08 22.94
#